data_1LPV
#
_entry.id   1LPV
#
_cell.length_a   1.000
_cell.length_b   1.000
_cell.length_c   1.000
_cell.angle_alpha   90.00
_cell.angle_beta   90.00
_cell.angle_gamma   90.00
#
_symmetry.space_group_name_H-M   'P 1'
#
loop_
_entity.id
_entity.type
_entity.pdbx_description
1 polymer 'Doublesex protein'
2 non-polymer 'ZINC ION'
#
_entity_poly.entity_id   1
_entity_poly.type   'polypeptide(L)'
_entity_poly.pdbx_seq_one_letter_code
;SISPRTPPNCARCRNHGLKITLKGHKRYCKFRYCTCEKCRLTADRQRVMALQ
;
_entity_poly.pdbx_strand_id   A
#
# COMPACT_ATOMS: atom_id res chain seq x y z
N SER A 1 19.90 -7.76 -3.94
CA SER A 1 18.86 -6.71 -3.71
C SER A 1 19.41 -5.62 -2.78
N ILE A 2 18.92 -4.42 -2.90
CA ILE A 2 19.42 -3.32 -2.01
C ILE A 2 18.30 -2.82 -1.11
N SER A 3 17.20 -3.53 -1.06
CA SER A 3 16.07 -3.10 -0.19
C SER A 3 15.47 -4.31 0.53
N PRO A 4 16.25 -4.87 1.42
CA PRO A 4 15.80 -6.06 2.18
C PRO A 4 14.75 -5.66 3.22
N ARG A 5 14.55 -4.39 3.42
CA ARG A 5 13.54 -3.94 4.42
C ARG A 5 12.23 -3.57 3.72
N THR A 6 11.48 -4.55 3.27
CA THR A 6 10.20 -4.25 2.57
C THR A 6 9.10 -3.96 3.61
N PRO A 7 8.16 -3.16 3.20
CA PRO A 7 7.03 -2.79 4.10
C PRO A 7 6.07 -3.98 4.27
N PRO A 8 5.57 -4.11 5.47
CA PRO A 8 4.63 -5.22 5.77
C PRO A 8 3.26 -4.93 5.15
N ASN A 9 2.59 -5.95 4.67
CA ASN A 9 1.24 -5.76 4.05
C ASN A 9 1.26 -4.66 2.98
N CYS A 10 0.27 -4.65 2.15
CA CYS A 10 0.19 -3.63 1.07
C CYS A 10 -0.49 -2.37 1.61
N ALA A 11 0.04 -1.20 1.34
CA ALA A 11 -0.61 0.02 1.86
C ALA A 11 -1.71 0.50 0.92
N ARG A 12 -1.65 0.16 -0.31
CA ARG A 12 -2.71 0.58 -1.25
C ARG A 12 -4.05 0.07 -0.77
N CYS A 13 -4.10 -1.19 -0.43
CA CYS A 13 -5.39 -1.76 0.02
C CYS A 13 -5.66 -1.50 1.53
N ARG A 14 -4.67 -1.22 2.35
CA ARG A 14 -5.05 -0.96 3.79
C ARG A 14 -5.87 0.32 3.86
N ASN A 15 -5.67 1.19 2.93
CA ASN A 15 -6.39 2.48 2.93
C ASN A 15 -7.86 2.24 3.20
N HIS A 16 -8.33 1.15 2.71
CA HIS A 16 -9.77 0.81 2.88
C HIS A 16 -9.96 -0.21 4.01
N GLY A 17 -8.90 -0.80 4.48
CA GLY A 17 -9.03 -1.80 5.58
C GLY A 17 -8.63 -3.17 5.07
N LEU A 18 -7.71 -3.21 4.16
CA LEU A 18 -7.26 -4.52 3.59
C LEU A 18 -5.91 -4.91 4.18
N LYS A 19 -5.61 -6.18 4.22
CA LYS A 19 -4.32 -6.67 4.76
C LYS A 19 -3.93 -7.96 4.04
N ILE A 20 -3.21 -7.83 2.96
CA ILE A 20 -2.83 -9.05 2.17
C ILE A 20 -1.36 -9.44 2.42
N THR A 21 -0.65 -8.67 3.20
CA THR A 21 0.81 -8.97 3.48
C THR A 21 1.68 -8.48 2.31
N LEU A 22 1.05 -7.96 1.29
CA LEU A 22 1.80 -7.43 0.10
C LEU A 22 2.75 -8.49 -0.48
N LYS A 23 2.61 -9.72 -0.10
CA LYS A 23 3.49 -10.78 -0.67
C LYS A 23 2.98 -11.12 -2.08
N GLY A 24 3.76 -10.86 -3.10
CA GLY A 24 3.27 -11.15 -4.48
C GLY A 24 1.86 -10.59 -4.59
N HIS A 25 1.73 -9.30 -4.45
CA HIS A 25 0.37 -8.67 -4.48
C HIS A 25 0.31 -7.53 -5.50
N LYS A 26 0.38 -6.31 -5.05
CA LYS A 26 0.31 -5.14 -5.99
C LYS A 26 -0.76 -5.41 -7.05
N ARG A 27 -0.40 -5.97 -8.16
CA ARG A 27 -1.41 -6.25 -9.22
C ARG A 27 -2.62 -6.95 -8.60
N TYR A 28 -2.43 -7.60 -7.49
CA TYR A 28 -3.56 -8.30 -6.82
C TYR A 28 -4.28 -7.34 -5.88
N CYS A 29 -3.76 -6.17 -5.71
CA CYS A 29 -4.40 -5.18 -4.80
C CYS A 29 -5.71 -4.65 -5.38
N LYS A 30 -6.82 -4.95 -4.78
CA LYS A 30 -8.09 -4.38 -5.31
C LYS A 30 -7.90 -2.87 -5.44
N PHE A 31 -6.98 -2.34 -4.68
CA PHE A 31 -6.68 -0.88 -4.70
C PHE A 31 -5.42 -0.63 -5.54
N ARG A 32 -4.95 -1.64 -6.23
CA ARG A 32 -3.73 -1.50 -7.07
C ARG A 32 -3.79 -0.22 -7.89
N TYR A 33 -4.97 0.21 -8.21
CA TYR A 33 -5.10 1.46 -9.02
C TYR A 33 -6.10 2.42 -8.36
N CYS A 34 -6.55 2.10 -7.19
CA CYS A 34 -7.52 3.02 -6.52
C CYS A 34 -7.01 4.45 -6.62
N THR A 35 -7.82 5.41 -6.28
CA THR A 35 -7.37 6.83 -6.35
C THR A 35 -7.88 7.63 -5.16
N CYS A 36 -8.58 7.01 -4.24
CA CYS A 36 -9.08 7.77 -3.06
C CYS A 36 -7.95 8.65 -2.51
N GLU A 37 -8.23 9.52 -1.58
CA GLU A 37 -7.15 10.41 -1.04
C GLU A 37 -6.26 9.67 -0.03
N LYS A 38 -6.53 8.43 0.22
CA LYS A 38 -5.69 7.65 1.19
C LYS A 38 -4.72 6.77 0.41
N CYS A 39 -5.05 6.53 -0.83
CA CYS A 39 -4.17 5.71 -1.69
C CYS A 39 -3.15 6.66 -2.33
N ARG A 40 -3.59 7.86 -2.63
CA ARG A 40 -2.68 8.87 -3.21
C ARG A 40 -1.76 9.37 -2.11
N LEU A 41 -2.31 9.58 -0.95
CA LEU A 41 -1.49 10.05 0.20
C LEU A 41 -0.44 8.97 0.51
N THR A 42 -0.77 7.74 0.25
CA THR A 42 0.21 6.65 0.49
C THR A 42 1.35 6.76 -0.52
N ALA A 43 1.04 6.53 -1.76
CA ALA A 43 2.09 6.64 -2.81
C ALA A 43 2.87 7.92 -2.59
N ASP A 44 2.23 8.90 -2.02
CA ASP A 44 2.91 10.20 -1.75
C ASP A 44 3.91 10.01 -0.60
N ARG A 45 3.53 9.24 0.39
CA ARG A 45 4.44 9.01 1.54
C ARG A 45 5.76 8.41 1.06
N GLN A 46 5.72 7.52 0.12
CA GLN A 46 6.98 6.90 -0.39
C GLN A 46 7.74 7.89 -1.29
N ARG A 47 7.08 8.46 -2.27
CA ARG A 47 7.77 9.41 -3.16
C ARG A 47 8.19 10.68 -2.40
N VAL A 48 9.27 11.28 -2.79
CA VAL A 48 9.74 12.51 -2.08
C VAL A 48 10.14 13.58 -3.11
N MET A 49 9.46 14.70 -3.09
CA MET A 49 9.80 15.78 -4.06
C MET A 49 10.34 17.00 -3.32
N ALA A 50 10.12 17.06 -2.03
CA ALA A 50 10.62 18.22 -1.24
C ALA A 50 11.03 17.76 0.16
N LEU A 51 12.13 18.27 0.66
CA LEU A 51 12.58 17.86 2.02
C LEU A 51 12.57 19.06 2.97
N GLN A 52 12.33 18.82 4.23
CA GLN A 52 12.31 19.95 5.20
C GLN A 52 13.41 19.76 6.25
N SER A 1 0.39 -21.89 -3.13
CA SER A 1 0.30 -23.24 -2.48
C SER A 1 1.32 -23.33 -1.33
N ILE A 2 2.48 -22.77 -1.51
CA ILE A 2 3.50 -22.82 -0.43
C ILE A 2 4.16 -21.45 -0.23
N SER A 3 3.65 -20.67 0.69
CA SER A 3 4.24 -19.31 0.91
C SER A 3 4.05 -18.88 2.36
N PRO A 4 5.13 -18.46 2.97
CA PRO A 4 5.08 -18.00 4.38
C PRO A 4 4.38 -16.65 4.47
N ARG A 5 4.35 -16.06 5.63
CA ARG A 5 3.68 -14.73 5.78
C ARG A 5 4.66 -13.69 6.32
N THR A 6 4.56 -12.47 5.87
CA THR A 6 5.48 -11.40 6.36
C THR A 6 4.70 -10.40 7.22
N PRO A 7 5.43 -9.64 7.99
CA PRO A 7 4.80 -8.63 8.88
C PRO A 7 4.26 -7.39 8.13
N PRO A 8 4.86 -7.03 7.02
CA PRO A 8 4.38 -5.83 6.28
C PRO A 8 3.06 -6.11 5.56
N ASN A 9 2.64 -5.19 4.73
CA ASN A 9 1.35 -5.36 4.00
C ASN A 9 1.23 -4.25 2.95
N CYS A 10 0.36 -4.41 2.00
CA CYS A 10 0.19 -3.38 0.95
C CYS A 10 -0.53 -2.16 1.53
N ALA A 11 0.00 -0.98 1.32
CA ALA A 11 -0.69 0.22 1.88
C ALA A 11 -1.80 0.67 0.95
N ARG A 12 -1.74 0.32 -0.28
CA ARG A 12 -2.81 0.72 -1.23
C ARG A 12 -4.14 0.18 -0.74
N CYS A 13 -4.17 -1.06 -0.41
CA CYS A 13 -5.44 -1.66 0.05
C CYS A 13 -5.72 -1.42 1.55
N ARG A 14 -4.73 -1.11 2.38
CA ARG A 14 -5.10 -0.86 3.82
C ARG A 14 -5.96 0.40 3.90
N ASN A 15 -5.80 1.26 2.96
CA ASN A 15 -6.55 2.54 2.97
C ASN A 15 -8.02 2.28 3.24
N HIS A 16 -8.48 1.18 2.74
CA HIS A 16 -9.90 0.81 2.91
C HIS A 16 -10.07 -0.24 4.02
N GLY A 17 -8.99 -0.80 4.49
CA GLY A 17 -9.10 -1.82 5.58
C GLY A 17 -8.66 -3.17 5.05
N LEU A 18 -7.72 -3.19 4.17
CA LEU A 18 -7.24 -4.48 3.60
C LEU A 18 -5.87 -4.84 4.18
N LYS A 19 -5.55 -6.11 4.21
CA LYS A 19 -4.23 -6.55 4.76
C LYS A 19 -3.81 -7.83 4.03
N ILE A 20 -3.07 -7.67 2.97
CA ILE A 20 -2.65 -8.85 2.16
C ILE A 20 -1.15 -9.18 2.39
N THR A 21 -0.45 -8.36 3.13
CA THR A 21 1.03 -8.61 3.38
C THR A 21 1.87 -8.15 2.16
N LEU A 22 1.20 -7.62 1.17
CA LEU A 22 1.90 -7.14 -0.06
C LEU A 22 2.90 -8.17 -0.59
N LYS A 23 2.69 -9.43 -0.31
CA LYS A 23 3.63 -10.45 -0.84
C LYS A 23 3.28 -10.73 -2.30
N GLY A 24 4.11 -10.30 -3.22
CA GLY A 24 3.76 -10.52 -4.67
C GLY A 24 2.31 -10.10 -4.85
N HIS A 25 2.00 -8.92 -4.40
CA HIS A 25 0.60 -8.42 -4.46
C HIS A 25 0.46 -7.29 -5.50
N LYS A 26 0.46 -6.05 -5.07
CA LYS A 26 0.31 -4.93 -6.02
C LYS A 26 -0.82 -5.24 -7.02
N ARG A 27 -0.49 -5.81 -8.16
CA ARG A 27 -1.55 -6.14 -9.14
C ARG A 27 -2.71 -6.85 -8.44
N TYR A 28 -2.41 -7.60 -7.41
CA TYR A 28 -3.50 -8.32 -6.67
C TYR A 28 -4.19 -7.37 -5.69
N CYS A 29 -3.85 -6.11 -5.75
CA CYS A 29 -4.47 -5.13 -4.80
C CYS A 29 -5.82 -4.64 -5.33
N LYS A 30 -6.89 -4.95 -4.66
CA LYS A 30 -8.19 -4.42 -5.13
C LYS A 30 -8.05 -2.90 -5.28
N PHE A 31 -7.09 -2.35 -4.58
CA PHE A 31 -6.82 -0.89 -4.62
C PHE A 31 -5.57 -0.63 -5.49
N ARG A 32 -5.13 -1.64 -6.20
CA ARG A 32 -3.91 -1.48 -7.06
C ARG A 32 -4.02 -0.22 -7.89
N TYR A 33 -5.21 0.14 -8.25
CA TYR A 33 -5.39 1.37 -9.09
C TYR A 33 -6.35 2.35 -8.41
N CYS A 34 -6.79 2.04 -7.22
CA CYS A 34 -7.70 2.98 -6.52
C CYS A 34 -7.14 4.39 -6.63
N THR A 35 -7.90 5.39 -6.27
CA THR A 35 -7.40 6.78 -6.35
C THR A 35 -7.87 7.61 -5.15
N CYS A 36 -8.56 7.01 -4.21
CA CYS A 36 -9.02 7.78 -3.03
C CYS A 36 -7.84 8.63 -2.51
N GLU A 37 -8.08 9.55 -1.63
CA GLU A 37 -6.97 10.41 -1.13
C GLU A 37 -6.09 9.65 -0.11
N LYS A 38 -6.41 8.42 0.16
CA LYS A 38 -5.59 7.63 1.12
C LYS A 38 -4.69 6.68 0.34
N CYS A 39 -5.01 6.47 -0.89
CA CYS A 39 -4.19 5.59 -1.74
C CYS A 39 -3.14 6.46 -2.41
N ARG A 40 -3.52 7.66 -2.79
CA ARG A 40 -2.54 8.59 -3.41
C ARG A 40 -1.64 9.12 -2.30
N LEU A 41 -2.21 9.38 -1.16
CA LEU A 41 -1.40 9.86 -0.01
C LEU A 41 -0.42 8.75 0.39
N THR A 42 -0.82 7.53 0.14
CA THR A 42 0.07 6.38 0.48
C THR A 42 1.23 6.34 -0.49
N ALA A 43 0.96 6.04 -1.72
CA ALA A 43 2.06 6.01 -2.74
C ALA A 43 2.96 7.23 -2.53
N ASP A 44 2.37 8.32 -2.13
CA ASP A 44 3.17 9.55 -1.88
C ASP A 44 4.02 9.37 -0.62
N ARG A 45 3.47 8.70 0.37
CA ARG A 45 4.23 8.46 1.62
C ARG A 45 5.47 7.62 1.34
N GLN A 46 5.30 6.45 0.78
CA GLN A 46 6.47 5.58 0.48
C GLN A 46 6.62 5.42 -1.04
N ARG A 47 6.74 6.51 -1.75
CA ARG A 47 6.88 6.41 -3.23
C ARG A 47 8.10 5.56 -3.59
N VAL A 48 8.06 4.89 -4.72
CA VAL A 48 9.22 4.05 -5.12
C VAL A 48 9.62 4.38 -6.56
N MET A 49 10.70 3.80 -7.03
CA MET A 49 11.15 4.09 -8.42
C MET A 49 10.82 2.90 -9.33
N ALA A 50 9.89 2.08 -8.94
CA ALA A 50 9.53 0.90 -9.78
C ALA A 50 8.08 1.02 -10.27
N LEU A 51 7.87 1.70 -11.36
CA LEU A 51 6.48 1.86 -11.89
C LEU A 51 6.33 1.10 -13.21
N GLN A 52 5.17 0.56 -13.47
CA GLN A 52 4.97 -0.19 -14.75
C GLN A 52 3.73 0.33 -15.47
N SER A 1 9.96 -1.03 14.02
CA SER A 1 9.85 -2.34 14.71
C SER A 1 9.03 -3.32 13.87
N ILE A 2 7.76 -3.09 13.75
CA ILE A 2 6.90 -4.00 12.93
C ILE A 2 7.00 -3.64 11.45
N SER A 3 8.15 -3.83 10.86
CA SER A 3 8.32 -3.49 9.43
C SER A 3 9.53 -4.22 8.84
N PRO A 4 10.69 -3.90 9.35
CA PRO A 4 11.94 -4.54 8.86
C PRO A 4 11.99 -6.01 9.31
N ARG A 5 11.44 -6.31 10.46
CA ARG A 5 11.46 -7.71 10.95
C ARG A 5 10.08 -8.36 10.73
N THR A 6 9.22 -7.70 9.99
CA THR A 6 7.87 -8.27 9.74
C THR A 6 7.42 -7.95 8.31
N PRO A 7 6.53 -8.77 7.81
CA PRO A 7 6.02 -8.58 6.43
C PRO A 7 5.05 -7.39 6.38
N PRO A 8 5.44 -6.39 5.63
CA PRO A 8 4.62 -5.17 5.48
C PRO A 8 3.45 -5.40 4.51
N ASN A 9 2.23 -5.33 5.00
CA ASN A 9 1.05 -5.52 4.10
C ASN A 9 1.01 -4.39 3.08
N CYS A 10 0.25 -4.59 2.03
CA CYS A 10 0.16 -3.54 0.98
C CYS A 10 -0.55 -2.31 1.54
N ALA A 11 -0.09 -1.14 1.21
CA ALA A 11 -0.76 0.08 1.73
C ALA A 11 -1.91 0.49 0.79
N ARG A 12 -1.74 0.31 -0.47
CA ARG A 12 -2.83 0.70 -1.40
C ARG A 12 -4.16 0.16 -0.88
N CYS A 13 -4.17 -1.08 -0.54
CA CYS A 13 -5.42 -1.68 -0.02
C CYS A 13 -5.59 -1.40 1.49
N ARG A 14 -4.53 -1.01 2.17
CA ARG A 14 -4.65 -0.70 3.64
C ARG A 14 -5.57 0.49 3.86
N ASN A 15 -5.59 1.38 2.92
CA ASN A 15 -6.40 2.61 3.05
C ASN A 15 -7.87 2.27 3.30
N HIS A 16 -8.31 1.21 2.74
CA HIS A 16 -9.72 0.81 2.92
C HIS A 16 -9.86 -0.23 4.03
N GLY A 17 -8.77 -0.74 4.52
CA GLY A 17 -8.86 -1.75 5.62
C GLY A 17 -8.47 -3.13 5.09
N LEU A 18 -7.62 -3.16 4.11
CA LEU A 18 -7.19 -4.47 3.54
C LEU A 18 -5.84 -4.87 4.13
N LYS A 19 -5.58 -6.15 4.20
CA LYS A 19 -4.28 -6.63 4.76
C LYS A 19 -3.88 -7.92 4.04
N ILE A 20 -3.18 -7.77 2.96
CA ILE A 20 -2.78 -8.97 2.16
C ILE A 20 -1.29 -9.32 2.43
N THR A 21 -0.60 -8.51 3.21
CA THR A 21 0.85 -8.78 3.49
C THR A 21 1.73 -8.35 2.29
N LEU A 22 1.10 -7.84 1.28
CA LEU A 22 1.83 -7.38 0.05
C LEU A 22 2.80 -8.46 -0.44
N LYS A 23 2.58 -9.69 -0.09
CA LYS A 23 3.47 -10.77 -0.59
C LYS A 23 3.05 -11.13 -2.01
N GLY A 24 3.85 -10.79 -2.99
CA GLY A 24 3.43 -11.09 -4.40
C GLY A 24 2.01 -10.56 -4.54
N HIS A 25 1.85 -9.26 -4.39
CA HIS A 25 0.48 -8.67 -4.45
C HIS A 25 0.42 -7.52 -5.48
N LYS A 26 0.48 -6.29 -5.03
CA LYS A 26 0.40 -5.16 -5.99
C LYS A 26 -0.70 -5.43 -7.03
N ARG A 27 -0.34 -5.99 -8.16
CA ARG A 27 -1.37 -6.27 -9.19
C ARG A 27 -2.56 -6.99 -8.55
N TYR A 28 -2.33 -7.65 -7.45
CA TYR A 28 -3.43 -8.38 -6.75
C TYR A 28 -4.13 -7.44 -5.77
N CYS A 29 -3.80 -6.17 -5.82
CA CYS A 29 -4.43 -5.21 -4.88
C CYS A 29 -5.77 -4.73 -5.41
N LYS A 30 -6.83 -4.93 -4.67
CA LYS A 30 -8.15 -4.41 -5.14
C LYS A 30 -8.01 -2.89 -5.33
N PHE A 31 -6.99 -2.33 -4.74
CA PHE A 31 -6.73 -0.87 -4.85
C PHE A 31 -5.50 -0.64 -5.74
N ARG A 32 -5.01 -1.68 -6.35
CA ARG A 32 -3.81 -1.55 -7.23
C ARG A 32 -3.91 -0.29 -8.07
N TYR A 33 -5.11 0.14 -8.36
CA TYR A 33 -5.28 1.37 -9.18
C TYR A 33 -6.21 2.36 -8.47
N CYS A 34 -6.60 2.08 -7.26
CA CYS A 34 -7.50 3.00 -6.53
C CYS A 34 -6.98 4.44 -6.67
N THR A 35 -7.77 5.40 -6.27
CA THR A 35 -7.31 6.81 -6.36
C THR A 35 -7.85 7.62 -5.18
N CYS A 36 -8.50 6.99 -4.23
CA CYS A 36 -9.02 7.76 -3.07
C CYS A 36 -7.90 8.66 -2.53
N GLU A 37 -8.18 9.52 -1.59
CA GLU A 37 -7.11 10.42 -1.06
C GLU A 37 -6.23 9.74 -0.01
N LYS A 38 -6.47 8.49 0.26
CA LYS A 38 -5.63 7.77 1.27
C LYS A 38 -4.66 6.86 0.52
N CYS A 39 -4.99 6.54 -0.69
CA CYS A 39 -4.10 5.70 -1.51
C CYS A 39 -3.09 6.62 -2.17
N ARG A 40 -3.56 7.77 -2.59
CA ARG A 40 -2.66 8.77 -3.22
C ARG A 40 -1.82 9.40 -2.10
N LEU A 41 -2.42 9.58 -0.96
CA LEU A 41 -1.68 10.16 0.19
C LEU A 41 -0.61 9.16 0.64
N THR A 42 -0.88 7.90 0.47
CA THR A 42 0.10 6.86 0.86
C THR A 42 1.20 6.77 -0.18
N ALA A 43 0.87 6.28 -1.34
CA ALA A 43 1.88 6.18 -2.43
C ALA A 43 2.69 7.48 -2.47
N ASP A 44 2.07 8.55 -2.06
CA ASP A 44 2.78 9.86 -2.04
C ASP A 44 3.67 9.94 -0.80
N ARG A 45 3.18 9.47 0.32
CA ARG A 45 3.98 9.51 1.57
C ARG A 45 5.33 8.80 1.35
N GLN A 46 5.35 7.80 0.49
CA GLN A 46 6.62 7.08 0.23
C GLN A 46 6.65 6.61 -1.24
N ARG A 47 7.35 7.32 -2.08
CA ARG A 47 7.43 6.93 -3.51
C ARG A 47 8.32 5.70 -3.69
N VAL A 48 7.99 4.61 -3.03
CA VAL A 48 8.81 3.39 -3.18
C VAL A 48 8.24 2.49 -4.28
N MET A 49 8.12 3.00 -5.47
CA MET A 49 7.56 2.19 -6.58
C MET A 49 8.65 1.33 -7.21
N ALA A 50 9.71 1.95 -7.64
CA ALA A 50 10.83 1.18 -8.27
C ALA A 50 12.16 1.92 -8.07
N LEU A 51 12.37 2.99 -8.78
CA LEU A 51 13.64 3.75 -8.63
C LEU A 51 13.37 5.25 -8.70
N GLN A 52 14.31 6.05 -8.26
CA GLN A 52 14.12 7.53 -8.29
C GLN A 52 15.47 8.24 -8.26
N SER A 1 4.68 0.67 20.90
CA SER A 1 3.77 -0.09 20.00
C SER A 1 3.12 -1.24 20.77
N ILE A 2 1.85 -1.47 20.54
CA ILE A 2 1.16 -2.59 21.26
C ILE A 2 1.34 -3.90 20.49
N SER A 3 1.65 -3.82 19.22
CA SER A 3 1.84 -5.07 18.43
C SER A 3 3.02 -4.90 17.46
N PRO A 4 3.75 -5.97 17.28
CA PRO A 4 4.91 -5.95 16.37
C PRO A 4 4.46 -5.95 14.91
N ARG A 5 4.61 -4.85 14.23
CA ARG A 5 4.19 -4.78 12.80
C ARG A 5 5.35 -5.16 11.89
N THR A 6 5.78 -6.39 11.92
CA THR A 6 6.91 -6.82 11.05
C THR A 6 6.46 -7.21 9.63
N PRO A 7 5.22 -7.63 9.49
CA PRO A 7 4.72 -8.02 8.15
C PRO A 7 4.32 -6.78 7.34
N PRO A 8 5.08 -6.50 6.33
CA PRO A 8 4.80 -5.33 5.45
C PRO A 8 3.61 -5.61 4.54
N ASN A 9 2.48 -5.01 4.81
CA ASN A 9 1.29 -5.23 3.95
C ASN A 9 1.18 -4.13 2.90
N CYS A 10 0.51 -4.44 1.82
CA CYS A 10 0.35 -3.42 0.74
C CYS A 10 -0.37 -2.19 1.32
N ALA A 11 0.16 -1.01 1.10
CA ALA A 11 -0.52 0.17 1.67
C ALA A 11 -1.66 0.63 0.77
N ARG A 12 -1.61 0.30 -0.47
CA ARG A 12 -2.71 0.71 -1.40
C ARG A 12 -4.03 0.15 -0.89
N CYS A 13 -4.04 -1.09 -0.59
CA CYS A 13 -5.31 -1.72 -0.11
C CYS A 13 -5.58 -1.45 1.39
N ARG A 14 -4.60 -1.16 2.20
CA ARG A 14 -4.96 -0.89 3.65
C ARG A 14 -5.76 0.40 3.75
N ASN A 15 -5.77 1.17 2.71
CA ASN A 15 -6.48 2.46 2.74
C ASN A 15 -7.97 2.22 2.99
N HIS A 16 -8.45 1.15 2.47
CA HIS A 16 -9.89 0.81 2.63
C HIS A 16 -10.08 -0.22 3.73
N GLY A 17 -9.02 -0.79 4.23
CA GLY A 17 -9.16 -1.80 5.32
C GLY A 17 -8.70 -3.15 4.80
N LEU A 18 -7.70 -3.16 3.98
CA LEU A 18 -7.20 -4.45 3.43
C LEU A 18 -5.85 -4.80 4.06
N LYS A 19 -5.52 -6.05 4.15
CA LYS A 19 -4.22 -6.47 4.75
C LYS A 19 -3.77 -7.75 4.06
N ILE A 20 -3.04 -7.63 3.00
CA ILE A 20 -2.58 -8.83 2.24
C ILE A 20 -1.10 -9.13 2.53
N THR A 21 -0.40 -8.27 3.23
CA THR A 21 1.06 -8.49 3.52
C THR A 21 1.92 -8.11 2.30
N LEU A 22 1.28 -7.65 1.26
CA LEU A 22 2.01 -7.24 0.01
C LEU A 22 2.96 -8.36 -0.44
N LYS A 23 2.75 -9.56 0.01
CA LYS A 23 3.62 -10.69 -0.43
C LYS A 23 3.07 -11.22 -1.75
N GLY A 24 3.76 -10.99 -2.84
CA GLY A 24 3.22 -11.47 -4.16
C GLY A 24 1.81 -10.88 -4.29
N HIS A 25 1.72 -9.58 -4.36
CA HIS A 25 0.39 -8.92 -4.42
C HIS A 25 0.34 -7.86 -5.53
N LYS A 26 0.45 -6.61 -5.18
CA LYS A 26 0.39 -5.53 -6.20
C LYS A 26 -0.74 -5.78 -7.21
N ARG A 27 -0.48 -6.49 -8.28
CA ARG A 27 -1.58 -6.76 -9.26
C ARG A 27 -2.76 -7.42 -8.55
N TYR A 28 -2.51 -7.99 -7.40
CA TYR A 28 -3.62 -8.64 -6.63
C TYR A 28 -4.31 -7.62 -5.74
N CYS A 29 -3.86 -6.40 -5.74
CA CYS A 29 -4.48 -5.37 -4.88
C CYS A 29 -5.90 -5.03 -5.32
N LYS A 30 -6.74 -4.72 -4.39
CA LYS A 30 -8.11 -4.29 -4.76
C LYS A 30 -8.08 -2.76 -4.86
N PHE A 31 -6.89 -2.21 -4.83
CA PHE A 31 -6.69 -0.73 -4.88
C PHE A 31 -5.45 -0.43 -5.72
N ARG A 32 -4.90 -1.42 -6.38
CA ARG A 32 -3.66 -1.20 -7.18
C ARG A 32 -3.79 0.06 -8.04
N TYR A 33 -4.99 0.46 -8.32
CA TYR A 33 -5.19 1.66 -9.17
C TYR A 33 -6.14 2.65 -8.48
N CYS A 34 -6.63 2.31 -7.32
CA CYS A 34 -7.54 3.24 -6.61
C CYS A 34 -6.99 4.67 -6.67
N THR A 35 -7.75 5.64 -6.30
CA THR A 35 -7.26 7.04 -6.32
C THR A 35 -7.84 7.85 -5.16
N CYS A 36 -8.45 7.19 -4.21
CA CYS A 36 -9.02 7.94 -3.05
C CYS A 36 -7.93 8.82 -2.41
N GLU A 37 -8.23 9.46 -1.31
CA GLU A 37 -7.21 10.35 -0.66
C GLU A 37 -6.31 9.57 0.31
N LYS A 38 -6.53 8.29 0.46
CA LYS A 38 -5.68 7.47 1.37
C LYS A 38 -4.71 6.66 0.53
N CYS A 39 -5.05 6.48 -0.71
CA CYS A 39 -4.18 5.74 -1.64
C CYS A 39 -3.19 6.74 -2.21
N ARG A 40 -3.65 7.94 -2.44
CA ARG A 40 -2.76 9.01 -2.97
C ARG A 40 -1.87 9.49 -1.82
N LEU A 41 -2.45 9.56 -0.65
CA LEU A 41 -1.67 10.00 0.54
C LEU A 41 -0.61 8.94 0.85
N THR A 42 -0.87 7.72 0.47
CA THR A 42 0.10 6.63 0.71
C THR A 42 1.16 6.64 -0.39
N ALA A 43 0.78 6.28 -1.58
CA ALA A 43 1.75 6.27 -2.70
C ALA A 43 2.60 7.55 -2.63
N ASP A 44 2.03 8.59 -2.09
CA ASP A 44 2.77 9.87 -1.95
C ASP A 44 3.76 9.76 -0.78
N ARG A 45 3.32 9.18 0.31
CA ARG A 45 4.23 9.04 1.49
C ARG A 45 5.55 8.38 1.07
N GLN A 46 5.51 7.51 0.09
CA GLN A 46 6.76 6.84 -0.35
C GLN A 46 7.29 7.49 -1.64
N ARG A 47 6.41 8.04 -2.44
CA ARG A 47 6.86 8.69 -3.71
C ARG A 47 7.51 10.04 -3.40
N VAL A 48 8.75 10.04 -3.02
CA VAL A 48 9.43 11.33 -2.71
C VAL A 48 10.78 11.41 -3.42
N MET A 49 10.79 11.36 -4.72
CA MET A 49 12.07 11.43 -5.47
C MET A 49 12.17 12.74 -6.24
N ALA A 50 11.37 13.72 -5.88
CA ALA A 50 11.41 15.02 -6.60
C ALA A 50 12.51 15.91 -6.02
N LEU A 51 12.79 17.02 -6.66
CA LEU A 51 13.86 17.92 -6.15
C LEU A 51 13.26 18.93 -5.15
N GLN A 52 13.76 18.94 -3.94
CA GLN A 52 13.22 19.89 -2.93
C GLN A 52 14.09 21.15 -2.86
N SER A 1 -6.16 -20.21 2.82
CA SER A 1 -4.88 -19.53 2.46
C SER A 1 -4.10 -19.18 3.73
N ILE A 2 -4.77 -18.86 4.79
CA ILE A 2 -4.06 -18.51 6.05
C ILE A 2 -3.13 -17.32 5.82
N SER A 3 -2.73 -16.64 6.87
CA SER A 3 -1.82 -15.48 6.69
C SER A 3 -0.91 -15.34 7.92
N PRO A 4 0.36 -15.22 7.65
CA PRO A 4 1.36 -15.07 8.75
C PRO A 4 1.27 -13.67 9.36
N ARG A 5 1.85 -13.49 10.51
CA ARG A 5 1.80 -12.15 11.17
C ARG A 5 2.94 -11.27 10.63
N THR A 6 2.86 -10.88 9.39
CA THR A 6 3.94 -10.03 8.82
C THR A 6 3.47 -8.56 8.76
N PRO A 7 4.36 -7.68 9.16
CA PRO A 7 4.05 -6.24 9.16
C PRO A 7 4.05 -5.61 7.75
N PRO A 8 4.83 -6.17 6.83
CA PRO A 8 4.86 -5.58 5.46
C PRO A 8 3.58 -5.89 4.68
N ASN A 9 2.61 -5.03 4.75
CA ASN A 9 1.34 -5.23 4.00
C ASN A 9 1.21 -4.15 2.93
N CYS A 10 0.39 -4.37 1.96
CA CYS A 10 0.21 -3.35 0.89
C CYS A 10 -0.55 -2.15 1.45
N ALA A 11 -0.05 -0.96 1.29
CA ALA A 11 -0.78 0.21 1.85
C ALA A 11 -1.87 0.67 0.88
N ARG A 12 -1.75 0.35 -0.36
CA ARG A 12 -2.80 0.74 -1.33
C ARG A 12 -4.14 0.17 -0.89
N CYS A 13 -4.14 -1.07 -0.56
CA CYS A 13 -5.42 -1.70 -0.15
C CYS A 13 -5.76 -1.48 1.35
N ARG A 14 -4.82 -1.18 2.22
CA ARG A 14 -5.23 -0.95 3.64
C ARG A 14 -6.10 0.30 3.72
N ASN A 15 -5.91 1.19 2.80
CA ASN A 15 -6.67 2.46 2.80
C ASN A 15 -8.14 2.18 3.04
N HIS A 16 -8.59 1.10 2.52
CA HIS A 16 -10.01 0.73 2.65
C HIS A 16 -10.22 -0.33 3.72
N GLY A 17 -9.17 -0.93 4.21
CA GLY A 17 -9.33 -1.96 5.27
C GLY A 17 -8.81 -3.30 4.75
N LEU A 18 -7.85 -3.25 3.88
CA LEU A 18 -7.31 -4.51 3.31
C LEU A 18 -5.94 -4.82 3.95
N LYS A 19 -5.59 -6.06 4.03
CA LYS A 19 -4.28 -6.45 4.62
C LYS A 19 -3.82 -7.75 3.96
N ILE A 20 -3.07 -7.63 2.92
CA ILE A 20 -2.61 -8.84 2.16
C ILE A 20 -1.14 -9.16 2.47
N THR A 21 -0.47 -8.32 3.22
CA THR A 21 0.99 -8.56 3.52
C THR A 21 1.86 -8.18 2.32
N LEU A 22 1.24 -7.63 1.30
CA LEU A 22 1.97 -7.21 0.07
C LEU A 22 2.95 -8.31 -0.41
N LYS A 23 2.72 -9.52 -0.01
CA LYS A 23 3.61 -10.63 -0.46
C LYS A 23 3.22 -11.02 -1.89
N GLY A 24 4.04 -10.72 -2.86
CA GLY A 24 3.66 -11.07 -4.26
C GLY A 24 2.24 -10.55 -4.47
N HIS A 25 2.05 -9.27 -4.26
CA HIS A 25 0.69 -8.68 -4.38
C HIS A 25 0.65 -7.58 -5.46
N LYS A 26 0.65 -6.33 -5.07
CA LYS A 26 0.60 -5.22 -6.06
C LYS A 26 -0.50 -5.46 -7.10
N ARG A 27 -0.27 -6.25 -8.11
CA ARG A 27 -1.33 -6.49 -9.12
C ARG A 27 -2.52 -7.19 -8.45
N TYR A 28 -2.27 -7.82 -7.33
CA TYR A 28 -3.37 -8.52 -6.61
C TYR A 28 -4.08 -7.55 -5.66
N CYS A 29 -3.78 -6.28 -5.77
CA CYS A 29 -4.42 -5.29 -4.87
C CYS A 29 -5.86 -5.01 -5.27
N LYS A 30 -6.68 -4.71 -4.31
CA LYS A 30 -8.08 -4.34 -4.62
C LYS A 30 -8.12 -2.81 -4.70
N PHE A 31 -6.96 -2.20 -4.64
CA PHE A 31 -6.83 -0.71 -4.66
C PHE A 31 -5.59 -0.34 -5.48
N ARG A 32 -5.03 -1.30 -6.19
CA ARG A 32 -3.82 -1.04 -7.01
C ARG A 32 -3.99 0.21 -7.88
N TYR A 33 -5.21 0.60 -8.12
CA TYR A 33 -5.45 1.79 -8.98
C TYR A 33 -6.43 2.76 -8.32
N CYS A 34 -6.93 2.42 -7.16
CA CYS A 34 -7.89 3.34 -6.49
C CYS A 34 -7.33 4.76 -6.55
N THR A 35 -8.12 5.74 -6.19
CA THR A 35 -7.62 7.14 -6.24
C THR A 35 -8.07 7.94 -5.00
N CYS A 36 -8.65 7.28 -4.03
CA CYS A 36 -9.08 8.02 -2.80
C CYS A 36 -7.90 8.83 -2.27
N GLU A 37 -8.08 9.52 -1.15
CA GLU A 37 -6.94 10.35 -0.61
C GLU A 37 -6.01 9.51 0.28
N LYS A 38 -6.32 8.27 0.49
CA LYS A 38 -5.44 7.40 1.33
C LYS A 38 -4.59 6.55 0.40
N CYS A 39 -5.01 6.43 -0.82
CA CYS A 39 -4.24 5.65 -1.81
C CYS A 39 -3.23 6.58 -2.45
N ARG A 40 -3.64 7.81 -2.70
CA ARG A 40 -2.72 8.80 -3.29
C ARG A 40 -1.77 9.27 -2.19
N LEU A 41 -2.25 9.28 -0.97
CA LEU A 41 -1.40 9.70 0.17
C LEU A 41 -0.37 8.60 0.45
N THR A 42 -0.69 7.39 0.09
CA THR A 42 0.25 6.26 0.30
C THR A 42 1.32 6.27 -0.77
N ALA A 43 0.92 6.07 -2.00
CA ALA A 43 1.91 6.09 -3.12
C ALA A 43 2.85 7.27 -2.91
N ASP A 44 2.37 8.29 -2.28
CA ASP A 44 3.21 9.48 -1.99
C ASP A 44 4.21 9.13 -0.89
N ARG A 45 3.73 8.58 0.20
CA ARG A 45 4.64 8.19 1.31
C ARG A 45 5.69 7.19 0.81
N GLN A 46 5.45 6.60 -0.33
CA GLN A 46 6.43 5.61 -0.87
C GLN A 46 7.33 6.28 -1.92
N ARG A 47 7.29 7.57 -2.02
CA ARG A 47 8.15 8.27 -3.03
C ARG A 47 9.58 7.75 -2.94
N VAL A 48 10.40 8.07 -3.91
CA VAL A 48 11.80 7.59 -3.89
C VAL A 48 12.77 8.75 -4.16
N MET A 49 13.32 9.34 -3.13
CA MET A 49 14.26 10.47 -3.33
C MET A 49 15.62 10.15 -2.70
N ALA A 50 15.94 8.90 -2.57
CA ALA A 50 17.25 8.53 -1.97
C ALA A 50 18.09 7.74 -2.96
N LEU A 51 17.46 7.16 -3.96
CA LEU A 51 18.23 6.37 -4.97
C LEU A 51 17.63 6.59 -6.36
N GLN A 52 18.47 6.80 -7.34
CA GLN A 52 17.96 7.01 -8.73
C GLN A 52 18.64 6.04 -9.70
N SER A 1 14.19 -2.25 4.99
CA SER A 1 14.23 -3.30 6.05
C SER A 1 14.06 -4.68 5.42
N ILE A 2 15.14 -5.37 5.19
CA ILE A 2 15.04 -6.74 4.58
C ILE A 2 14.39 -7.70 5.56
N SER A 3 14.56 -7.48 6.84
CA SER A 3 13.94 -8.40 7.84
C SER A 3 13.13 -7.58 8.86
N PRO A 4 11.96 -7.20 8.44
CA PRO A 4 11.07 -6.39 9.32
C PRO A 4 10.46 -7.29 10.40
N ARG A 5 10.23 -6.74 11.57
CA ARG A 5 9.64 -7.56 12.67
C ARG A 5 8.12 -7.63 12.50
N THR A 6 7.60 -7.03 11.48
CA THR A 6 6.11 -7.07 11.25
C THR A 6 5.81 -7.36 9.79
N PRO A 7 4.59 -7.74 9.54
CA PRO A 7 4.16 -8.07 8.16
C PRO A 7 3.96 -6.78 7.34
N PRO A 8 4.77 -6.63 6.32
CA PRO A 8 4.68 -5.44 5.45
C PRO A 8 3.45 -5.53 4.54
N ASN A 9 2.29 -5.30 5.07
CA ASN A 9 1.05 -5.38 4.24
C ASN A 9 1.04 -4.26 3.20
N CYS A 10 0.21 -4.41 2.19
CA CYS A 10 0.14 -3.36 1.13
C CYS A 10 -0.59 -2.13 1.66
N ALA A 11 -0.19 -0.96 1.24
CA ALA A 11 -0.89 0.25 1.73
C ALA A 11 -2.07 0.59 0.81
N ARG A 12 -1.89 0.47 -0.46
CA ARG A 12 -3.01 0.79 -1.40
C ARG A 12 -4.30 0.20 -0.87
N CYS A 13 -4.24 -1.02 -0.47
CA CYS A 13 -5.47 -1.68 0.05
C CYS A 13 -5.61 -1.44 1.57
N ARG A 14 -4.55 -0.99 2.23
CA ARG A 14 -4.65 -0.73 3.71
C ARG A 14 -5.55 0.48 3.96
N ASN A 15 -5.80 1.24 2.96
CA ASN A 15 -6.62 2.47 3.10
C ASN A 15 -8.08 2.15 3.35
N HIS A 16 -8.54 1.11 2.74
CA HIS A 16 -9.97 0.73 2.89
C HIS A 16 -10.12 -0.36 3.97
N GLY A 17 -9.04 -0.89 4.45
CA GLY A 17 -9.16 -1.94 5.52
C GLY A 17 -8.69 -3.28 4.96
N LEU A 18 -7.74 -3.25 4.08
CA LEU A 18 -7.23 -4.52 3.50
C LEU A 18 -5.86 -4.87 4.10
N LYS A 19 -5.53 -6.12 4.15
CA LYS A 19 -4.22 -6.55 4.71
C LYS A 19 -3.78 -7.84 4.02
N ILE A 20 -3.07 -7.69 2.94
CA ILE A 20 -2.63 -8.89 2.17
C ILE A 20 -1.14 -9.21 2.45
N THR A 21 -0.47 -8.38 3.21
CA THR A 21 1.00 -8.60 3.50
C THR A 21 1.85 -8.14 2.30
N LEU A 22 1.21 -7.60 1.30
CA LEU A 22 1.92 -7.09 0.07
C LEU A 22 2.92 -8.12 -0.45
N LYS A 23 2.73 -9.37 -0.14
CA LYS A 23 3.68 -10.41 -0.66
C LYS A 23 3.21 -10.82 -2.06
N GLY A 24 3.96 -10.53 -3.08
CA GLY A 24 3.49 -10.89 -4.45
C GLY A 24 2.06 -10.38 -4.57
N HIS A 25 1.89 -9.10 -4.41
CA HIS A 25 0.52 -8.52 -4.45
C HIS A 25 0.41 -7.40 -5.50
N LYS A 26 0.48 -6.17 -5.08
CA LYS A 26 0.36 -5.05 -6.05
C LYS A 26 -0.80 -5.31 -7.02
N ARG A 27 -0.52 -5.88 -8.16
CA ARG A 27 -1.61 -6.16 -9.14
C ARG A 27 -2.76 -6.86 -8.41
N TYR A 28 -2.46 -7.62 -7.40
CA TYR A 28 -3.52 -8.34 -6.64
C TYR A 28 -4.25 -7.35 -5.73
N CYS A 29 -3.78 -6.14 -5.66
CA CYS A 29 -4.44 -5.13 -4.78
C CYS A 29 -5.78 -4.69 -5.34
N LYS A 30 -6.86 -4.98 -4.67
CA LYS A 30 -8.17 -4.51 -5.19
C LYS A 30 -8.05 -3.00 -5.41
N PHE A 31 -7.12 -2.39 -4.72
CA PHE A 31 -6.88 -0.93 -4.85
C PHE A 31 -5.67 -0.68 -5.74
N ARG A 32 -5.19 -1.71 -6.41
CA ARG A 32 -4.01 -1.57 -7.30
C ARG A 32 -4.15 -0.30 -8.15
N TYR A 33 -5.36 0.09 -8.40
CA TYR A 33 -5.59 1.30 -9.23
C TYR A 33 -6.52 2.28 -8.51
N CYS A 34 -6.80 2.04 -7.26
CA CYS A 34 -7.69 2.97 -6.51
C CYS A 34 -7.18 4.40 -6.68
N THR A 35 -7.95 5.37 -6.27
CA THR A 35 -7.50 6.79 -6.39
C THR A 35 -7.92 7.61 -5.18
N CYS A 36 -8.54 7.00 -4.20
CA CYS A 36 -8.95 7.78 -2.99
C CYS A 36 -7.75 8.61 -2.50
N GLU A 37 -7.92 9.43 -1.50
CA GLU A 37 -6.76 10.26 -1.03
C GLU A 37 -5.90 9.52 0.00
N LYS A 38 -6.23 8.30 0.30
CA LYS A 38 -5.41 7.52 1.28
C LYS A 38 -4.52 6.57 0.49
N CYS A 39 -4.87 6.33 -0.74
CA CYS A 39 -4.07 5.46 -1.60
C CYS A 39 -3.06 6.34 -2.33
N ARG A 40 -3.52 7.46 -2.83
CA ARG A 40 -2.59 8.41 -3.50
C ARG A 40 -1.68 8.99 -2.44
N LEU A 41 -2.21 9.15 -1.26
CA LEU A 41 -1.40 9.67 -0.14
C LEU A 41 -0.29 8.67 0.16
N THR A 42 -0.64 7.42 0.22
CA THR A 42 0.39 6.37 0.47
C THR A 42 1.56 6.59 -0.46
N ALA A 43 1.34 6.46 -1.73
CA ALA A 43 2.43 6.70 -2.72
C ALA A 43 3.15 8.00 -2.31
N ASP A 44 2.43 8.88 -1.67
CA ASP A 44 3.03 10.16 -1.23
C ASP A 44 3.79 9.94 0.09
N ARG A 45 3.13 9.37 1.06
CA ARG A 45 3.78 9.10 2.38
C ARG A 45 5.24 8.67 2.17
N GLN A 46 5.55 8.05 1.07
CA GLN A 46 6.95 7.61 0.81
C GLN A 46 7.90 8.81 0.85
N ARG A 47 7.54 9.88 0.19
CA ARG A 47 8.44 11.08 0.19
C ARG A 47 8.64 11.58 1.62
N VAL A 48 9.59 11.00 2.32
CA VAL A 48 9.84 11.44 3.72
C VAL A 48 11.32 11.26 4.08
N MET A 49 12.15 12.20 3.73
CA MET A 49 13.60 12.08 4.06
C MET A 49 13.98 13.11 5.12
N ALA A 50 15.06 12.89 5.82
CA ALA A 50 15.48 13.86 6.87
C ALA A 50 16.98 14.16 6.74
N LEU A 51 17.44 15.20 7.39
CA LEU A 51 18.89 15.55 7.30
C LEU A 51 19.43 15.88 8.69
N GLN A 52 20.57 15.35 9.04
CA GLN A 52 21.14 15.64 10.39
C GLN A 52 22.63 15.98 10.28
N SER A 1 -10.20 -17.19 6.76
CA SER A 1 -9.18 -16.25 7.32
C SER A 1 -9.57 -14.80 7.03
N ILE A 2 -9.85 -14.03 8.04
CA ILE A 2 -10.25 -12.61 7.80
C ILE A 2 -9.00 -11.73 7.67
N SER A 3 -8.24 -11.59 8.72
CA SER A 3 -7.02 -10.75 8.66
C SER A 3 -6.00 -11.18 9.71
N PRO A 4 -4.90 -11.71 9.25
CA PRO A 4 -3.84 -12.17 10.17
C PRO A 4 -3.10 -10.97 10.78
N ARG A 5 -1.92 -11.17 11.27
CA ARG A 5 -1.16 -10.03 11.87
C ARG A 5 0.23 -9.93 11.22
N THR A 6 0.41 -9.00 10.32
CA THR A 6 1.74 -8.85 9.67
C THR A 6 1.90 -7.42 9.16
N PRO A 7 3.00 -6.81 9.52
CA PRO A 7 3.27 -5.42 9.10
C PRO A 7 3.64 -5.30 7.61
N PRO A 8 4.24 -6.32 7.03
CA PRO A 8 4.60 -6.22 5.60
C PRO A 8 3.37 -6.36 4.71
N ASN A 9 2.38 -5.54 4.93
CA ASN A 9 1.14 -5.62 4.09
C ASN A 9 1.17 -4.55 3.01
N CYS A 10 0.23 -4.56 2.12
CA CYS A 10 0.19 -3.55 1.04
C CYS A 10 -0.48 -2.28 1.55
N ALA A 11 -0.05 -1.13 1.08
CA ALA A 11 -0.68 0.13 1.55
C ALA A 11 -1.86 0.49 0.64
N ARG A 12 -1.72 0.33 -0.62
CA ARG A 12 -2.84 0.67 -1.53
C ARG A 12 -4.15 0.14 -0.97
N CYS A 13 -4.13 -1.09 -0.56
CA CYS A 13 -5.36 -1.68 0.01
C CYS A 13 -5.46 -1.39 1.53
N ARG A 14 -4.37 -1.00 2.16
CA ARG A 14 -4.42 -0.69 3.63
C ARG A 14 -5.29 0.55 3.88
N ASN A 15 -5.53 1.30 2.86
CA ASN A 15 -6.30 2.55 3.01
C ASN A 15 -7.77 2.26 3.30
N HIS A 16 -8.25 1.21 2.73
CA HIS A 16 -9.68 0.85 2.93
C HIS A 16 -9.81 -0.17 4.06
N GLY A 17 -8.71 -0.69 4.53
CA GLY A 17 -8.79 -1.68 5.65
C GLY A 17 -8.40 -3.06 5.12
N LEU A 18 -7.51 -3.09 4.17
CA LEU A 18 -7.09 -4.41 3.61
C LEU A 18 -5.72 -4.81 4.18
N LYS A 19 -5.46 -6.08 4.23
CA LYS A 19 -4.15 -6.56 4.77
C LYS A 19 -3.80 -7.88 4.07
N ILE A 20 -3.10 -7.78 2.99
CA ILE A 20 -2.75 -9.01 2.21
C ILE A 20 -1.29 -9.41 2.45
N THR A 21 -0.52 -8.60 3.14
CA THR A 21 0.93 -8.91 3.40
C THR A 21 1.78 -8.47 2.18
N LEU A 22 1.15 -7.83 1.24
CA LEU A 22 1.87 -7.35 0.02
C LEU A 22 2.84 -8.41 -0.51
N LYS A 23 2.59 -9.65 -0.22
CA LYS A 23 3.48 -10.72 -0.73
C LYS A 23 3.03 -11.11 -2.14
N GLY A 24 3.80 -10.82 -3.15
CA GLY A 24 3.35 -11.15 -4.54
C GLY A 24 1.93 -10.61 -4.67
N HIS A 25 1.76 -9.36 -4.36
CA HIS A 25 0.40 -8.74 -4.41
C HIS A 25 0.34 -7.60 -5.43
N LYS A 26 0.44 -6.38 -4.99
CA LYS A 26 0.38 -5.24 -5.95
C LYS A 26 -0.74 -5.48 -6.97
N ARG A 27 -0.44 -6.04 -8.10
CA ARG A 27 -1.50 -6.29 -9.11
C ARG A 27 -2.69 -6.99 -8.44
N TYR A 28 -2.44 -7.76 -7.42
CA TYR A 28 -3.54 -8.46 -6.71
C TYR A 28 -4.28 -7.48 -5.80
N CYS A 29 -3.80 -6.27 -5.71
CA CYS A 29 -4.46 -5.27 -4.82
C CYS A 29 -5.80 -4.83 -5.38
N LYS A 30 -6.86 -4.96 -4.63
CA LYS A 30 -8.16 -4.47 -5.15
C LYS A 30 -8.04 -2.96 -5.36
N PHE A 31 -7.03 -2.37 -4.76
CA PHE A 31 -6.78 -0.92 -4.90
C PHE A 31 -5.56 -0.69 -5.80
N ARG A 32 -5.05 -1.75 -6.38
CA ARG A 32 -3.86 -1.63 -7.26
C ARG A 32 -3.99 -0.39 -8.15
N TYR A 33 -5.20 -0.01 -8.44
CA TYR A 33 -5.43 1.19 -9.30
C TYR A 33 -6.38 2.16 -8.59
N CYS A 34 -6.53 2.04 -7.30
CA CYS A 34 -7.44 2.96 -6.58
C CYS A 34 -6.95 4.39 -6.70
N THR A 35 -7.74 5.36 -6.31
CA THR A 35 -7.31 6.78 -6.41
C THR A 35 -7.87 7.59 -5.23
N CYS A 36 -8.52 6.95 -4.29
CA CYS A 36 -9.05 7.73 -3.14
C CYS A 36 -7.94 8.63 -2.60
N GLU A 37 -8.25 9.52 -1.67
CA GLU A 37 -7.18 10.43 -1.16
C GLU A 37 -6.33 9.75 -0.08
N LYS A 38 -6.55 8.49 0.18
CA LYS A 38 -5.74 7.77 1.21
C LYS A 38 -4.75 6.87 0.49
N CYS A 39 -5.02 6.56 -0.74
CA CYS A 39 -4.11 5.72 -1.54
C CYS A 39 -3.11 6.68 -2.19
N ARG A 40 -3.60 7.82 -2.61
CA ARG A 40 -2.72 8.83 -3.22
C ARG A 40 -1.90 9.48 -2.11
N LEU A 41 -2.51 9.65 -0.97
CA LEU A 41 -1.80 10.24 0.19
C LEU A 41 -0.66 9.31 0.61
N THR A 42 -0.87 8.03 0.43
CA THR A 42 0.19 7.05 0.80
C THR A 42 1.33 7.13 -0.21
N ALA A 43 1.07 6.73 -1.43
CA ALA A 43 2.12 6.80 -2.48
C ALA A 43 2.88 8.11 -2.35
N ASP A 44 2.21 9.12 -1.85
CA ASP A 44 2.86 10.44 -1.66
C ASP A 44 3.80 10.38 -0.45
N ARG A 45 3.34 9.80 0.62
CA ARG A 45 4.19 9.69 1.84
C ARG A 45 5.52 9.02 1.50
N GLN A 46 5.50 8.03 0.65
CA GLN A 46 6.77 7.34 0.29
C GLN A 46 7.54 8.16 -0.76
N ARG A 47 6.87 9.02 -1.47
CA ARG A 47 7.57 9.85 -2.50
C ARG A 47 8.66 10.71 -1.85
N VAL A 48 9.91 10.37 -2.07
CA VAL A 48 11.02 11.16 -1.46
C VAL A 48 12.22 11.19 -2.41
N MET A 49 12.49 12.32 -3.00
CA MET A 49 13.65 12.40 -3.94
C MET A 49 14.61 13.52 -3.52
N ALA A 50 14.28 14.25 -2.49
CA ALA A 50 15.18 15.35 -2.03
C ALA A 50 15.50 15.20 -0.55
N LEU A 51 14.50 14.98 0.26
CA LEU A 51 14.73 14.84 1.73
C LEU A 51 15.25 13.42 2.04
N GLN A 52 16.53 13.22 1.98
CA GLN A 52 17.10 11.87 2.28
C GLN A 52 17.42 11.75 3.78
N SER A 1 -6.76 -12.82 8.84
CA SER A 1 -8.07 -13.13 9.49
C SER A 1 -8.29 -12.23 10.72
N ILE A 2 -8.51 -10.96 10.49
CA ILE A 2 -8.73 -10.03 11.63
C ILE A 2 -7.60 -10.17 12.66
N SER A 3 -6.41 -10.46 12.21
CA SER A 3 -5.26 -10.61 13.14
C SER A 3 -3.95 -10.40 12.39
N PRO A 4 -3.79 -9.22 11.84
CA PRO A 4 -2.57 -8.89 11.08
C PRO A 4 -1.37 -8.72 12.01
N ARG A 5 -0.75 -9.80 12.39
CA ARG A 5 0.44 -9.69 13.30
C ARG A 5 1.70 -9.49 12.47
N THR A 6 1.62 -8.70 11.43
CA THR A 6 2.82 -8.46 10.58
C THR A 6 2.81 -7.02 10.05
N PRO A 7 3.94 -6.37 10.17
CA PRO A 7 4.07 -4.97 9.70
C PRO A 7 4.10 -4.86 8.16
N PRO A 8 4.60 -5.85 7.47
CA PRO A 8 4.64 -5.78 5.99
C PRO A 8 3.24 -5.97 5.40
N ASN A 9 2.86 -5.13 4.49
CA ASN A 9 1.51 -5.24 3.88
C ASN A 9 1.34 -4.15 2.82
N CYS A 10 0.46 -4.35 1.90
CA CYS A 10 0.24 -3.33 0.84
C CYS A 10 -0.50 -2.12 1.42
N ALA A 11 -0.01 -0.93 1.18
CA ALA A 11 -0.72 0.25 1.74
C ALA A 11 -1.84 0.69 0.82
N ARG A 12 -1.77 0.33 -0.42
CA ARG A 12 -2.85 0.72 -1.36
C ARG A 12 -4.18 0.17 -0.87
N CYS A 13 -4.19 -1.07 -0.52
CA CYS A 13 -5.45 -1.70 -0.05
C CYS A 13 -5.73 -1.45 1.45
N ARG A 14 -4.74 -1.13 2.28
CA ARG A 14 -5.11 -0.87 3.71
C ARG A 14 -5.98 0.37 3.81
N ASN A 15 -5.82 1.25 2.87
CA ASN A 15 -6.57 2.53 2.89
C ASN A 15 -8.04 2.25 3.17
N HIS A 16 -8.50 1.17 2.66
CA HIS A 16 -9.92 0.81 2.83
C HIS A 16 -10.09 -0.25 3.92
N GLY A 17 -9.02 -0.82 4.39
CA GLY A 17 -9.14 -1.84 5.47
C GLY A 17 -8.66 -3.20 4.95
N LEU A 18 -7.73 -3.19 4.06
CA LEU A 18 -7.23 -4.48 3.50
C LEU A 18 -5.86 -4.82 4.12
N LYS A 19 -5.52 -6.08 4.15
CA LYS A 19 -4.20 -6.50 4.72
C LYS A 19 -3.76 -7.77 4.01
N ILE A 20 -3.01 -7.63 2.96
CA ILE A 20 -2.57 -8.82 2.17
C ILE A 20 -1.08 -9.12 2.43
N THR A 21 -0.38 -8.29 3.17
CA THR A 21 1.08 -8.52 3.44
C THR A 21 1.93 -8.07 2.24
N LEU A 22 1.28 -7.61 1.21
CA LEU A 22 2.01 -7.12 -0.02
C LEU A 22 2.97 -8.20 -0.56
N LYS A 23 2.83 -9.43 -0.12
CA LYS A 23 3.73 -10.49 -0.65
C LYS A 23 3.29 -10.84 -2.07
N GLY A 24 4.08 -10.51 -3.06
CA GLY A 24 3.66 -10.81 -4.47
C GLY A 24 2.22 -10.33 -4.61
N HIS A 25 2.00 -9.07 -4.41
CA HIS A 25 0.61 -8.52 -4.46
C HIS A 25 0.47 -7.43 -5.53
N LYS A 26 0.48 -6.17 -5.13
CA LYS A 26 0.33 -5.08 -6.13
C LYS A 26 -0.77 -5.43 -7.13
N ARG A 27 -0.42 -6.02 -8.24
CA ARG A 27 -1.46 -6.39 -9.24
C ARG A 27 -2.62 -7.10 -8.53
N TYR A 28 -2.36 -7.69 -7.39
CA TYR A 28 -3.45 -8.39 -6.65
C TYR A 28 -4.09 -7.43 -5.64
N CYS A 29 -3.91 -6.15 -5.82
CA CYS A 29 -4.49 -5.17 -4.86
C CYS A 29 -5.86 -4.71 -5.33
N LYS A 30 -6.90 -5.01 -4.61
CA LYS A 30 -8.24 -4.50 -5.02
C LYS A 30 -8.13 -2.98 -5.22
N PHE A 31 -7.13 -2.41 -4.59
CA PHE A 31 -6.90 -0.93 -4.70
C PHE A 31 -5.70 -0.68 -5.62
N ARG A 32 -5.33 -1.69 -6.38
CA ARG A 32 -4.17 -1.57 -7.31
C ARG A 32 -4.28 -0.31 -8.15
N TYR A 33 -5.46 0.22 -8.27
CA TYR A 33 -5.63 1.45 -9.11
C TYR A 33 -6.53 2.45 -8.39
N CYS A 34 -6.97 2.15 -7.21
CA CYS A 34 -7.83 3.12 -6.48
C CYS A 34 -7.23 4.53 -6.59
N THR A 35 -7.98 5.53 -6.22
CA THR A 35 -7.44 6.92 -6.30
C THR A 35 -7.89 7.75 -5.08
N CYS A 36 -8.59 7.14 -4.15
CA CYS A 36 -9.03 7.92 -2.96
C CYS A 36 -7.82 8.73 -2.44
N GLU A 37 -8.04 9.70 -1.59
CA GLU A 37 -6.90 10.52 -1.08
C GLU A 37 -6.06 9.71 -0.08
N LYS A 38 -6.45 8.49 0.19
CA LYS A 38 -5.68 7.67 1.16
C LYS A 38 -4.75 6.74 0.37
N CYS A 39 -5.06 6.55 -0.87
CA CYS A 39 -4.22 5.69 -1.72
C CYS A 39 -3.16 6.57 -2.38
N ARG A 40 -3.52 7.79 -2.68
CA ARG A 40 -2.54 8.73 -3.29
C ARG A 40 -1.56 9.16 -2.21
N LEU A 41 -2.05 9.46 -1.05
CA LEU A 41 -1.14 9.87 0.06
C LEU A 41 -0.25 8.69 0.43
N THR A 42 -0.78 7.51 0.30
CA THR A 42 0.01 6.29 0.61
C THR A 42 1.19 6.20 -0.36
N ALA A 43 0.90 5.98 -1.60
CA ALA A 43 1.98 5.91 -2.62
C ALA A 43 2.95 7.05 -2.37
N ASP A 44 2.47 8.12 -1.82
CA ASP A 44 3.33 9.29 -1.51
C ASP A 44 4.10 9.04 -0.21
N ARG A 45 3.44 8.47 0.76
CA ARG A 45 4.12 8.19 2.06
C ARG A 45 5.36 7.31 1.83
N GLN A 46 5.29 6.41 0.89
CA GLN A 46 6.45 5.53 0.62
C GLN A 46 7.06 5.87 -0.75
N ARG A 47 6.33 5.63 -1.80
CA ARG A 47 6.86 5.94 -3.16
C ARG A 47 7.05 7.45 -3.31
N VAL A 48 8.16 7.88 -3.87
CA VAL A 48 8.40 9.33 -4.04
C VAL A 48 8.54 9.66 -5.53
N MET A 49 7.79 10.62 -6.01
CA MET A 49 7.88 10.98 -7.46
C MET A 49 9.04 11.97 -7.67
N ALA A 50 9.69 11.88 -8.80
CA ALA A 50 10.83 12.81 -9.09
C ALA A 50 10.66 13.46 -10.46
N LEU A 51 9.53 13.25 -11.09
CA LEU A 51 9.31 13.86 -12.43
C LEU A 51 8.01 14.67 -12.43
N GLN A 52 7.94 15.71 -11.65
CA GLN A 52 6.71 16.54 -11.61
C GLN A 52 6.80 17.69 -12.62
N SER A 1 7.35 1.91 -9.09
CA SER A 1 7.05 0.69 -8.29
C SER A 1 8.28 0.24 -7.50
N ILE A 2 8.69 1.01 -6.54
CA ILE A 2 9.88 0.62 -5.73
C ILE A 2 9.52 0.54 -4.24
N SER A 3 9.91 -0.52 -3.58
CA SER A 3 9.58 -0.65 -2.14
C SER A 3 10.85 -0.89 -1.32
N PRO A 4 11.57 0.17 -1.09
CA PRO A 4 12.83 0.09 -0.31
C PRO A 4 12.51 -0.08 1.18
N ARG A 5 11.34 0.30 1.61
CA ARG A 5 10.99 0.16 3.04
C ARG A 5 9.46 0.18 3.21
N THR A 6 8.86 -0.96 3.44
CA THR A 6 7.39 -1.01 3.60
C THR A 6 7.01 -1.98 4.73
N PRO A 7 5.81 -1.84 5.21
CA PRO A 7 5.30 -2.72 6.29
C PRO A 7 4.99 -4.11 5.74
N PRO A 8 4.67 -5.00 6.63
CA PRO A 8 4.34 -6.40 6.23
C PRO A 8 2.94 -6.47 5.60
N ASN A 9 2.69 -5.63 4.64
CA ASN A 9 1.35 -5.63 3.97
C ASN A 9 1.31 -4.55 2.90
N CYS A 10 0.36 -4.62 2.01
CA CYS A 10 0.27 -3.61 0.94
C CYS A 10 -0.42 -2.34 1.48
N ALA A 11 0.14 -1.18 1.22
CA ALA A 11 -0.51 0.05 1.76
C ALA A 11 -1.62 0.52 0.81
N ARG A 12 -1.56 0.15 -0.41
CA ARG A 12 -2.63 0.57 -1.36
C ARG A 12 -3.97 0.06 -0.87
N CYS A 13 -4.03 -1.18 -0.54
CA CYS A 13 -5.31 -1.76 -0.08
C CYS A 13 -5.59 -1.49 1.43
N ARG A 14 -4.60 -1.18 2.25
CA ARG A 14 -4.97 -0.91 3.69
C ARG A 14 -5.78 0.38 3.76
N ASN A 15 -5.57 1.25 2.83
CA ASN A 15 -6.28 2.55 2.82
C ASN A 15 -7.75 2.31 3.13
N HIS A 16 -8.24 1.22 2.67
CA HIS A 16 -9.67 0.88 2.88
C HIS A 16 -9.82 -0.12 4.02
N GLY A 17 -8.75 -0.74 4.44
CA GLY A 17 -8.86 -1.71 5.56
C GLY A 17 -8.47 -3.10 5.06
N LEU A 18 -7.66 -3.15 4.04
CA LEU A 18 -7.23 -4.46 3.50
C LEU A 18 -5.87 -4.85 4.10
N LYS A 19 -5.60 -6.12 4.18
CA LYS A 19 -4.29 -6.58 4.74
C LYS A 19 -3.91 -7.88 4.04
N ILE A 20 -3.21 -7.78 2.95
CA ILE A 20 -2.81 -8.98 2.17
C ILE A 20 -1.35 -9.37 2.46
N THR A 21 -0.64 -8.58 3.23
CA THR A 21 0.81 -8.88 3.53
C THR A 21 1.69 -8.50 2.32
N LEU A 22 1.09 -7.98 1.30
CA LEU A 22 1.83 -7.56 0.08
C LEU A 22 2.79 -8.65 -0.41
N LYS A 23 2.47 -9.89 -0.18
CA LYS A 23 3.36 -10.99 -0.66
C LYS A 23 3.01 -11.29 -2.12
N GLY A 24 3.86 -10.95 -3.05
CA GLY A 24 3.51 -11.20 -4.48
C GLY A 24 2.09 -10.67 -4.69
N HIS A 25 1.87 -9.46 -4.28
CA HIS A 25 0.51 -8.84 -4.37
C HIS A 25 0.48 -7.73 -5.42
N LYS A 26 0.57 -6.50 -4.99
CA LYS A 26 0.52 -5.37 -5.97
C LYS A 26 -0.60 -5.61 -6.99
N ARG A 27 -0.28 -6.17 -8.12
CA ARG A 27 -1.34 -6.42 -9.14
C ARG A 27 -2.55 -7.08 -8.48
N TYR A 28 -2.33 -7.78 -7.40
CA TYR A 28 -3.47 -8.46 -6.70
C TYR A 28 -4.12 -7.48 -5.72
N CYS A 29 -3.85 -6.22 -5.86
CA CYS A 29 -4.45 -5.22 -4.92
C CYS A 29 -5.80 -4.72 -5.43
N LYS A 30 -6.83 -4.89 -4.66
CA LYS A 30 -8.15 -4.36 -5.11
C LYS A 30 -8.01 -2.84 -5.27
N PHE A 31 -6.97 -2.29 -4.69
CA PHE A 31 -6.71 -0.83 -4.76
C PHE A 31 -5.46 -0.59 -5.63
N ARG A 32 -5.06 -1.58 -6.38
CA ARG A 32 -3.86 -1.46 -7.25
C ARG A 32 -3.88 -0.16 -8.04
N TYR A 33 -5.04 0.40 -8.22
CA TYR A 33 -5.13 1.67 -9.00
C TYR A 33 -6.15 2.61 -8.36
N CYS A 34 -6.62 2.28 -7.19
CA CYS A 34 -7.60 3.18 -6.52
C CYS A 34 -7.12 4.63 -6.62
N THR A 35 -7.94 5.57 -6.26
CA THR A 35 -7.52 7.00 -6.34
C THR A 35 -8.05 7.79 -5.14
N CYS A 36 -8.61 7.13 -4.16
CA CYS A 36 -9.12 7.88 -2.97
C CYS A 36 -8.00 8.77 -2.40
N GLU A 37 -8.24 9.42 -1.29
CA GLU A 37 -7.18 10.32 -0.72
C GLU A 37 -6.23 9.57 0.24
N LYS A 38 -6.46 8.31 0.47
CA LYS A 38 -5.55 7.54 1.37
C LYS A 38 -4.62 6.70 0.51
N CYS A 39 -5.00 6.51 -0.72
CA CYS A 39 -4.15 5.75 -1.66
C CYS A 39 -3.21 6.74 -2.30
N ARG A 40 -3.72 7.89 -2.66
CA ARG A 40 -2.84 8.94 -3.27
C ARG A 40 -1.94 9.48 -2.16
N LEU A 41 -2.48 9.59 -0.99
CA LEU A 41 -1.68 10.09 0.17
C LEU A 41 -0.53 9.11 0.40
N THR A 42 -0.80 7.85 0.21
CA THR A 42 0.26 6.82 0.40
C THR A 42 1.34 7.00 -0.67
N ALA A 43 1.01 6.74 -1.89
CA ALA A 43 2.00 6.92 -2.99
C ALA A 43 2.73 8.25 -2.78
N ASP A 44 2.00 9.24 -2.32
CA ASP A 44 2.63 10.55 -2.06
C ASP A 44 3.65 10.42 -0.94
N ARG A 45 3.36 9.58 0.03
CA ARG A 45 4.31 9.38 1.16
C ARG A 45 5.61 8.75 0.65
N GLN A 46 5.56 8.09 -0.48
CA GLN A 46 6.78 7.45 -1.04
C GLN A 46 7.13 8.04 -2.41
N ARG A 47 7.05 9.33 -2.54
CA ARG A 47 7.38 9.96 -3.86
C ARG A 47 8.87 10.28 -3.94
N VAL A 48 9.71 9.28 -3.90
CA VAL A 48 11.18 9.54 -3.96
C VAL A 48 11.74 9.04 -5.30
N MET A 49 12.69 9.74 -5.85
CA MET A 49 13.28 9.31 -7.15
C MET A 49 14.81 9.26 -7.04
N ALA A 50 15.34 9.45 -5.86
CA ALA A 50 16.81 9.43 -5.69
C ALA A 50 17.17 8.90 -4.29
N LEU A 51 18.37 8.43 -4.11
CA LEU A 51 18.75 7.90 -2.78
C LEU A 51 20.28 7.86 -2.65
N GLN A 52 20.80 7.94 -1.46
CA GLN A 52 22.27 7.92 -1.27
C GLN A 52 22.67 6.72 -0.41
N SER A 1 13.76 -0.72 2.82
CA SER A 1 12.44 -0.01 2.82
C SER A 1 11.91 0.12 4.25
N ILE A 2 11.16 1.16 4.53
CA ILE A 2 10.61 1.33 5.91
C ILE A 2 9.96 0.04 6.38
N SER A 3 9.92 -0.19 7.66
CA SER A 3 9.30 -1.44 8.18
C SER A 3 8.93 -1.27 9.66
N PRO A 4 7.75 -0.76 9.88
CA PRO A 4 7.26 -0.55 11.26
C PRO A 4 6.88 -1.88 11.90
N ARG A 5 6.22 -2.73 11.16
CA ARG A 5 5.82 -4.06 11.73
C ARG A 5 6.57 -5.18 11.00
N THR A 6 6.10 -6.39 11.11
CA THR A 6 6.79 -7.53 10.43
C THR A 6 6.28 -7.69 8.99
N PRO A 7 5.01 -8.02 8.86
CA PRO A 7 4.41 -8.19 7.52
C PRO A 7 4.22 -6.84 6.83
N PRO A 8 4.90 -6.66 5.74
CA PRO A 8 4.81 -5.39 4.98
C PRO A 8 3.50 -5.34 4.18
N ASN A 9 2.39 -5.47 4.84
CA ASN A 9 1.08 -5.44 4.11
C ASN A 9 1.09 -4.36 3.04
N CYS A 10 0.20 -4.48 2.09
CA CYS A 10 0.13 -3.47 1.00
C CYS A 10 -0.57 -2.20 1.51
N ALA A 11 0.01 -1.05 1.32
CA ALA A 11 -0.66 0.18 1.81
C ALA A 11 -1.69 0.68 0.79
N ARG A 12 -1.72 0.14 -0.37
CA ARG A 12 -2.75 0.62 -1.33
C ARG A 12 -4.09 0.14 -0.87
N CYS A 13 -4.16 -1.11 -0.54
CA CYS A 13 -5.43 -1.69 -0.06
C CYS A 13 -5.56 -1.50 1.47
N ARG A 14 -4.54 -0.98 2.13
CA ARG A 14 -4.66 -0.77 3.62
C ARG A 14 -5.53 0.45 3.90
N ASN A 15 -5.75 1.25 2.90
CA ASN A 15 -6.54 2.48 3.08
C ASN A 15 -8.00 2.15 3.31
N HIS A 16 -8.45 1.12 2.68
CA HIS A 16 -9.86 0.70 2.81
C HIS A 16 -10.00 -0.32 3.93
N GLY A 17 -8.92 -0.89 4.38
CA GLY A 17 -9.01 -1.88 5.48
C GLY A 17 -8.53 -3.24 4.98
N LEU A 18 -7.85 -3.25 3.87
CA LEU A 18 -7.36 -4.53 3.31
C LEU A 18 -6.00 -4.88 3.95
N LYS A 19 -5.70 -6.14 4.06
CA LYS A 19 -4.41 -6.56 4.67
C LYS A 19 -3.96 -7.86 4.00
N ILE A 20 -3.24 -7.75 2.94
CA ILE A 20 -2.79 -8.96 2.19
C ILE A 20 -1.32 -9.28 2.49
N THR A 21 -0.64 -8.43 3.22
CA THR A 21 0.83 -8.67 3.53
C THR A 21 1.69 -8.26 2.32
N LEU A 22 1.06 -7.75 1.30
CA LEU A 22 1.77 -7.31 0.06
C LEU A 22 2.77 -8.34 -0.43
N LYS A 23 2.59 -9.58 -0.06
CA LYS A 23 3.53 -10.63 -0.54
C LYS A 23 3.13 -11.04 -1.96
N GLY A 24 3.94 -10.74 -2.94
CA GLY A 24 3.54 -11.09 -4.34
C GLY A 24 2.11 -10.60 -4.53
N HIS A 25 1.88 -9.35 -4.25
CA HIS A 25 0.52 -8.77 -4.33
C HIS A 25 0.41 -7.73 -5.43
N LYS A 26 0.47 -6.46 -5.09
CA LYS A 26 0.35 -5.40 -6.12
C LYS A 26 -0.79 -5.74 -7.09
N ARG A 27 -0.49 -6.38 -8.18
CA ARG A 27 -1.56 -6.74 -9.15
C ARG A 27 -2.72 -7.41 -8.40
N TYR A 28 -2.42 -8.06 -7.30
CA TYR A 28 -3.49 -8.73 -6.51
C TYR A 28 -4.18 -7.72 -5.60
N CYS A 29 -3.84 -6.46 -5.73
CA CYS A 29 -4.47 -5.43 -4.85
C CYS A 29 -5.87 -5.06 -5.33
N LYS A 30 -6.73 -4.75 -4.41
CA LYS A 30 -8.09 -4.31 -4.81
C LYS A 30 -8.05 -2.78 -4.93
N PHE A 31 -6.87 -2.23 -4.89
CA PHE A 31 -6.66 -0.76 -5.00
C PHE A 31 -5.37 -0.48 -5.77
N ARG A 32 -4.83 -1.49 -6.42
CA ARG A 32 -3.56 -1.31 -7.17
C ARG A 32 -3.59 0.00 -7.95
N TYR A 33 -4.75 0.47 -8.26
CA TYR A 33 -4.86 1.75 -9.02
C TYR A 33 -5.91 2.66 -8.38
N CYS A 34 -6.38 2.30 -7.23
CA CYS A 34 -7.40 3.15 -6.55
C CYS A 34 -6.97 4.61 -6.62
N THR A 35 -7.83 5.52 -6.24
CA THR A 35 -7.47 6.96 -6.29
C THR A 35 -7.99 7.70 -5.06
N CYS A 36 -8.64 7.02 -4.15
CA CYS A 36 -9.15 7.72 -2.93
C CYS A 36 -8.03 8.61 -2.37
N GLU A 37 -8.32 9.45 -1.42
CA GLU A 37 -7.24 10.36 -0.88
C GLU A 37 -6.34 9.63 0.14
N LYS A 38 -6.59 8.38 0.41
CA LYS A 38 -5.72 7.66 1.38
C LYS A 38 -4.73 6.80 0.60
N CYS A 39 -5.06 6.52 -0.62
CA CYS A 39 -4.17 5.73 -1.49
C CYS A 39 -3.19 6.71 -2.13
N ARG A 40 -3.66 7.87 -2.47
CA ARG A 40 -2.79 8.90 -3.07
C ARG A 40 -1.85 9.43 -1.99
N LEU A 41 -2.37 9.55 -0.79
CA LEU A 41 -1.51 10.02 0.33
C LEU A 41 -0.41 8.99 0.56
N THR A 42 -0.71 7.75 0.26
CA THR A 42 0.31 6.67 0.43
C THR A 42 1.38 6.83 -0.66
N ALA A 43 1.03 6.53 -1.87
CA ALA A 43 2.01 6.66 -2.99
C ALA A 43 2.79 7.96 -2.80
N ASP A 44 2.19 8.93 -2.21
CA ASP A 44 2.87 10.23 -1.97
C ASP A 44 3.87 10.07 -0.83
N ARG A 45 3.49 9.36 0.20
CA ARG A 45 4.41 9.14 1.35
C ARG A 45 5.75 8.61 0.85
N GLN A 46 5.74 7.83 -0.19
CA GLN A 46 7.01 7.26 -0.73
C GLN A 46 8.06 8.37 -0.85
N ARG A 47 7.66 9.57 -1.17
CA ARG A 47 8.64 10.67 -1.31
C ARG A 47 9.13 11.13 0.07
N VAL A 48 10.32 10.75 0.45
CA VAL A 48 10.85 11.17 1.78
C VAL A 48 12.08 12.06 1.61
N MET A 49 11.89 13.35 1.61
CA MET A 49 13.05 14.27 1.45
C MET A 49 13.19 15.16 2.69
N ALA A 50 12.21 15.17 3.54
CA ALA A 50 12.29 16.01 4.77
C ALA A 50 11.86 15.21 6.00
N LEU A 51 12.52 15.40 7.11
CA LEU A 51 12.14 14.65 8.34
C LEU A 51 11.86 15.63 9.48
N GLN A 52 10.72 15.52 10.11
CA GLN A 52 10.40 16.44 11.22
C GLN A 52 9.97 15.65 12.46
N SER A 1 2.88 -10.85 17.09
C SER A 1 3.73 -12.63 15.60
N ILE A 2 4.69 -13.53 15.61
CA ILE A 2 5.39 -13.87 14.35
C ILE A 2 5.80 -12.60 13.60
N SER A 3 6.99 -12.10 13.86
CA SER A 3 7.44 -10.87 13.17
C SER A 3 8.96 -10.90 12.94
N PRO A 4 9.40 -11.98 12.36
CA PRO A 4 10.85 -12.15 12.08
C PRO A 4 11.28 -11.25 10.92
N ARG A 5 10.66 -11.37 9.79
CA ARG A 5 11.03 -10.52 8.63
C ARG A 5 9.90 -10.48 7.60
N THR A 6 8.71 -10.11 8.03
CA THR A 6 7.57 -10.06 7.07
C THR A 6 7.26 -8.61 6.68
N PRO A 7 6.75 -8.44 5.50
CA PRO A 7 6.39 -7.10 4.99
C PRO A 7 5.15 -6.56 5.71
N PRO A 8 5.09 -5.26 5.82
CA PRO A 8 3.95 -4.61 6.49
C PRO A 8 2.72 -4.55 5.57
N ASN A 9 2.31 -5.67 5.04
CA ASN A 9 1.12 -5.70 4.14
C ASN A 9 1.18 -4.60 3.06
N CYS A 10 0.28 -4.66 2.12
CA CYS A 10 0.25 -3.64 1.04
C CYS A 10 -0.43 -2.37 1.57
N ALA A 11 0.09 -1.22 1.24
CA ALA A 11 -0.57 0.02 1.77
C ALA A 11 -1.68 0.50 0.82
N ARG A 12 -1.60 0.16 -0.41
CA ARG A 12 -2.66 0.59 -1.36
C ARG A 12 -4.00 0.06 -0.86
N CYS A 13 -4.04 -1.19 -0.53
CA CYS A 13 -5.31 -1.78 -0.07
C CYS A 13 -5.60 -1.52 1.43
N ARG A 14 -4.61 -1.27 2.27
CA ARG A 14 -4.99 -1.00 3.70
C ARG A 14 -5.81 0.27 3.78
N ASN A 15 -5.61 1.15 2.85
CA ASN A 15 -6.33 2.44 2.84
C ASN A 15 -7.80 2.20 3.11
N HIS A 16 -8.28 1.11 2.60
CA HIS A 16 -9.72 0.78 2.77
C HIS A 16 -9.91 -0.26 3.88
N GLY A 17 -8.85 -0.84 4.36
CA GLY A 17 -8.99 -1.85 5.45
C GLY A 17 -8.58 -3.22 4.93
N LEU A 18 -7.67 -3.25 4.00
CA LEU A 18 -7.22 -4.54 3.43
C LEU A 18 -5.88 -4.95 4.04
N LYS A 19 -5.58 -6.22 4.04
CA LYS A 19 -4.29 -6.70 4.63
C LYS A 19 -3.88 -7.99 3.93
N ILE A 20 -3.11 -7.88 2.90
CA ILE A 20 -2.69 -9.09 2.12
C ILE A 20 -1.22 -9.44 2.39
N THR A 21 -0.53 -8.65 3.18
CA THR A 21 0.92 -8.91 3.48
C THR A 21 1.80 -8.44 2.30
N LEU A 22 1.18 -7.92 1.28
CA LEU A 22 1.91 -7.41 0.07
C LEU A 22 2.87 -8.47 -0.49
N LYS A 23 2.76 -9.70 -0.08
CA LYS A 23 3.66 -10.75 -0.65
C LYS A 23 3.12 -11.15 -2.03
N GLY A 24 3.87 -10.88 -3.07
CA GLY A 24 3.34 -11.23 -4.43
C GLY A 24 1.92 -10.65 -4.50
N HIS A 25 1.81 -9.35 -4.57
CA HIS A 25 0.46 -8.73 -4.57
C HIS A 25 0.36 -7.58 -5.58
N LYS A 26 0.46 -6.36 -5.14
CA LYS A 26 0.35 -5.21 -6.08
C LYS A 26 -0.77 -5.46 -7.09
N ARG A 27 -0.46 -6.00 -8.23
CA ARG A 27 -1.53 -6.26 -9.24
C ARG A 27 -2.72 -6.95 -8.56
N TYR A 28 -2.46 -7.73 -7.56
CA TYR A 28 -3.58 -8.43 -6.85
C TYR A 28 -4.32 -7.45 -5.93
N CYS A 29 -3.71 -6.33 -5.68
CA CYS A 29 -4.36 -5.33 -4.79
C CYS A 29 -5.79 -5.03 -5.22
N LYS A 30 -6.63 -4.73 -4.29
CA LYS A 30 -8.02 -4.35 -4.63
C LYS A 30 -8.03 -2.81 -4.71
N PHE A 31 -6.85 -2.24 -4.63
CA PHE A 31 -6.69 -0.76 -4.66
C PHE A 31 -5.44 -0.40 -5.49
N ARG A 32 -4.86 -1.38 -6.15
CA ARG A 32 -3.63 -1.14 -6.96
C ARG A 32 -3.83 0.07 -7.89
N TYR A 33 -5.05 0.43 -8.14
CA TYR A 33 -5.32 1.58 -9.04
C TYR A 33 -6.27 2.57 -8.39
N CYS A 34 -6.77 2.25 -7.23
CA CYS A 34 -7.70 3.19 -6.54
C CYS A 34 -7.14 4.61 -6.63
N THR A 35 -7.92 5.59 -6.26
CA THR A 35 -7.42 6.99 -6.32
C THR A 35 -7.94 7.80 -5.13
N CYS A 36 -8.57 7.14 -4.18
CA CYS A 36 -9.08 7.90 -2.99
C CYS A 36 -7.94 8.76 -2.43
N GLU A 37 -8.20 9.53 -1.41
CA GLU A 37 -7.13 10.41 -0.85
C GLU A 37 -6.21 9.63 0.11
N LYS A 38 -6.49 8.39 0.34
CA LYS A 38 -5.61 7.58 1.25
C LYS A 38 -4.70 6.70 0.40
N CYS A 39 -5.05 6.55 -0.84
CA CYS A 39 -4.22 5.75 -1.76
C CYS A 39 -3.19 6.68 -2.39
N ARG A 40 -3.62 7.88 -2.71
CA ARG A 40 -2.68 8.88 -3.28
C ARG A 40 -1.79 9.39 -2.16
N LEU A 41 -2.35 9.48 -0.98
CA LEU A 41 -1.55 9.94 0.20
C LEU A 41 -0.49 8.88 0.50
N THR A 42 -0.78 7.65 0.20
CA THR A 42 0.21 6.56 0.44
C THR A 42 1.33 6.65 -0.59
N ALA A 43 1.02 6.37 -1.82
CA ALA A 43 2.05 6.46 -2.89
C ALA A 43 2.85 7.74 -2.69
N ASP A 44 2.19 8.77 -2.23
CA ASP A 44 2.89 10.06 -1.98
C ASP A 44 3.87 9.88 -0.82
N ARG A 45 3.48 9.14 0.18
CA ARG A 45 4.38 8.91 1.35
C ARG A 45 5.69 8.28 0.87
N GLN A 46 5.63 7.41 -0.09
CA GLN A 46 6.86 6.75 -0.59
C GLN A 46 7.64 7.72 -1.51
N ARG A 47 7.15 8.91 -1.68
CA ARG A 47 7.86 9.89 -2.55
C ARG A 47 9.04 10.50 -1.79
N VAL A 48 9.83 11.32 -2.45
CA VAL A 48 11.00 11.94 -1.76
C VAL A 48 10.73 13.43 -1.52
N MET A 49 9.73 13.75 -0.74
CA MET A 49 9.43 15.18 -0.47
C MET A 49 9.11 15.38 1.02
N ALA A 50 10.10 15.71 1.80
CA ALA A 50 9.86 15.93 3.26
C ALA A 50 9.68 17.42 3.55
N LEU A 51 8.56 17.98 3.15
CA LEU A 51 8.33 19.43 3.40
C LEU A 51 7.80 19.65 4.82
N GLN A 52 8.63 19.45 5.81
CA GLN A 52 8.17 19.64 7.21
C GLN A 52 9.37 19.85 8.15
N SER A 1 -1.96 -23.48 16.14
CA SER A 1 -0.84 -23.96 17.00
C SER A 1 0.07 -22.79 17.37
N ILE A 2 0.63 -22.13 16.39
CA ILE A 2 1.53 -20.99 16.69
C ILE A 2 1.96 -20.30 15.39
N SER A 3 1.13 -19.42 14.87
CA SER A 3 1.49 -18.72 13.60
C SER A 3 1.74 -17.24 13.87
N PRO A 4 2.86 -16.76 13.39
CA PRO A 4 3.22 -15.34 13.58
C PRO A 4 2.40 -14.46 12.65
N ARG A 5 1.71 -13.49 13.19
CA ARG A 5 0.88 -12.59 12.33
C ARG A 5 1.44 -11.17 12.34
N THR A 6 2.73 -11.02 12.27
CA THR A 6 3.32 -9.66 12.28
C THR A 6 4.04 -9.33 10.96
N PRO A 7 3.56 -9.88 9.86
CA PRO A 7 4.19 -9.60 8.55
C PRO A 7 3.81 -8.21 8.07
N PRO A 8 4.42 -7.80 6.98
CA PRO A 8 4.13 -6.47 6.40
C PRO A 8 2.77 -6.49 5.72
N ASN A 9 2.53 -5.57 4.83
CA ASN A 9 1.21 -5.51 4.12
C ASN A 9 1.20 -4.39 3.09
N CYS A 10 0.31 -4.49 2.14
CA CYS A 10 0.24 -3.43 1.09
C CYS A 10 -0.48 -2.20 1.63
N ALA A 11 0.03 -1.03 1.36
CA ALA A 11 -0.66 0.18 1.90
C ALA A 11 -1.78 0.64 0.97
N ARG A 12 -1.70 0.33 -0.28
CA ARG A 12 -2.78 0.74 -1.21
C ARG A 12 -4.10 0.16 -0.75
N CYS A 13 -4.11 -1.09 -0.45
CA CYS A 13 -5.38 -1.73 -0.02
C CYS A 13 -5.68 -1.51 1.48
N ARG A 14 -4.72 -1.20 2.32
CA ARG A 14 -5.11 -0.97 3.76
C ARG A 14 -5.94 0.30 3.88
N ASN A 15 -5.75 1.20 2.96
CA ASN A 15 -6.48 2.49 3.00
C ASN A 15 -7.94 2.23 3.29
N HIS A 16 -8.42 1.15 2.78
CA HIS A 16 -9.84 0.79 2.97
C HIS A 16 -10.00 -0.26 4.07
N GLY A 17 -8.93 -0.89 4.47
CA GLY A 17 -9.03 -1.91 5.55
C GLY A 17 -8.61 -3.27 5.01
N LEU A 18 -7.76 -3.27 4.03
CA LEU A 18 -7.29 -4.57 3.45
C LEU A 18 -5.93 -4.93 4.04
N LYS A 19 -5.61 -6.20 4.10
CA LYS A 19 -4.30 -6.64 4.65
C LYS A 19 -3.87 -7.90 3.91
N ILE A 20 -3.18 -7.74 2.83
CA ILE A 20 -2.74 -8.91 2.02
C ILE A 20 -1.27 -9.27 2.31
N THR A 21 -0.60 -8.49 3.13
CA THR A 21 0.85 -8.75 3.45
C THR A 21 1.76 -8.22 2.34
N LEU A 22 1.17 -7.70 1.30
CA LEU A 22 1.96 -7.12 0.15
C LEU A 22 2.96 -8.15 -0.39
N LYS A 23 2.83 -9.40 -0.04
CA LYS A 23 3.76 -10.42 -0.58
C LYS A 23 3.31 -10.81 -1.98
N GLY A 24 4.10 -10.55 -2.99
CA GLY A 24 3.66 -10.89 -4.38
C GLY A 24 2.24 -10.36 -4.53
N HIS A 25 2.07 -9.07 -4.38
CA HIS A 25 0.71 -8.47 -4.46
C HIS A 25 0.65 -7.34 -5.49
N LYS A 26 0.71 -6.11 -5.05
CA LYS A 26 0.63 -4.98 -6.02
C LYS A 26 -0.51 -5.21 -7.01
N ARG A 27 -0.22 -5.80 -8.13
CA ARG A 27 -1.30 -6.06 -9.13
C ARG A 27 -2.48 -6.76 -8.46
N TYR A 28 -2.22 -7.47 -7.39
CA TYR A 28 -3.32 -8.17 -6.67
C TYR A 28 -4.01 -7.21 -5.69
N CYS A 29 -3.71 -5.95 -5.78
CA CYS A 29 -4.34 -4.98 -4.84
C CYS A 29 -5.69 -4.51 -5.36
N LYS A 30 -6.76 -4.87 -4.70
CA LYS A 30 -8.08 -4.36 -5.16
C LYS A 30 -7.99 -2.84 -5.28
N PHE A 31 -7.05 -2.27 -4.56
CA PHE A 31 -6.83 -0.79 -4.58
C PHE A 31 -5.61 -0.48 -5.45
N ARG A 32 -5.14 -1.46 -6.19
CA ARG A 32 -3.95 -1.24 -7.06
C ARG A 32 -4.10 0.03 -7.89
N TYR A 33 -5.31 0.35 -8.23
CA TYR A 33 -5.54 1.58 -9.05
C TYR A 33 -6.49 2.54 -8.33
N CYS A 34 -6.92 2.21 -7.16
CA CYS A 34 -7.84 3.12 -6.43
C CYS A 34 -7.31 4.56 -6.52
N THR A 35 -8.09 5.53 -6.14
CA THR A 35 -7.61 6.94 -6.23
C THR A 35 -8.01 7.72 -4.98
N CYS A 36 -8.67 7.12 -4.03
CA CYS A 36 -9.06 7.87 -2.81
C CYS A 36 -7.84 8.68 -2.32
N GLU A 37 -8.04 9.58 -1.40
CA GLU A 37 -6.88 10.41 -0.92
C GLU A 37 -5.99 9.63 0.06
N LYS A 38 -6.30 8.39 0.32
CA LYS A 38 -5.45 7.59 1.24
C LYS A 38 -4.58 6.66 0.41
N CYS A 39 -4.97 6.45 -0.82
CA CYS A 39 -4.17 5.59 -1.72
C CYS A 39 -3.16 6.48 -2.42
N ARG A 40 -3.60 7.65 -2.82
CA ARG A 40 -2.67 8.61 -3.46
C ARG A 40 -1.72 9.14 -2.38
N LEU A 41 -2.27 9.36 -1.22
CA LEU A 41 -1.43 9.85 -0.09
C LEU A 41 -0.34 8.81 0.17
N THR A 42 -0.66 7.56 0.01
CA THR A 42 0.35 6.49 0.24
C THR A 42 1.41 6.55 -0.87
N ALA A 43 1.04 6.14 -2.05
CA ALA A 43 2.00 6.18 -3.18
C ALA A 43 2.74 7.52 -3.15
N ASP A 44 2.06 8.55 -2.71
CA ASP A 44 2.70 9.89 -2.63
C ASP A 44 3.65 9.91 -1.43
N ARG A 45 3.27 9.28 -0.35
CA ARG A 45 4.15 9.25 0.85
C ARG A 45 5.53 8.69 0.48
N GLN A 46 5.61 8.00 -0.63
CA GLN A 46 6.91 7.43 -1.07
C GLN A 46 7.31 8.00 -2.44
N ARG A 47 6.45 7.86 -3.42
CA ARG A 47 6.79 8.38 -4.77
C ARG A 47 6.74 9.91 -4.77
N VAL A 48 7.62 10.55 -5.49
CA VAL A 48 7.62 12.04 -5.52
C VAL A 48 7.79 12.53 -6.96
N MET A 49 6.70 12.63 -7.69
CA MET A 49 6.79 13.10 -9.10
C MET A 49 5.51 13.83 -9.51
N ALA A 50 5.61 14.76 -10.42
CA ALA A 50 4.39 15.51 -10.86
C ALA A 50 4.43 15.75 -12.37
N LEU A 51 3.36 16.24 -12.93
CA LEU A 51 3.34 16.49 -14.40
C LEU A 51 3.81 17.92 -14.70
N GLN A 52 4.34 18.14 -15.88
CA GLN A 52 4.82 19.50 -16.23
C GLN A 52 3.66 20.35 -16.76
N SER A 1 -4.13 3.56 10.51
CA SER A 1 -3.31 3.81 9.30
C SER A 1 -1.85 4.04 9.68
N ILE A 2 -1.37 3.36 10.69
CA ILE A 2 0.04 3.54 11.12
C ILE A 2 0.67 2.17 11.43
N SER A 3 1.73 1.82 10.77
CA SER A 3 2.38 0.51 11.04
C SER A 3 3.80 0.71 11.59
N PRO A 4 3.87 1.00 12.87
CA PRO A 4 5.17 1.23 13.52
C PRO A 4 5.88 -0.12 13.76
N ARG A 5 5.32 -0.97 14.58
CA ARG A 5 5.96 -2.29 14.85
C ARG A 5 5.01 -3.41 14.42
N THR A 6 4.30 -3.22 13.34
CA THR A 6 3.35 -4.28 12.87
C THR A 6 3.94 -5.00 11.65
N PRO A 7 3.22 -6.00 11.20
CA PRO A 7 3.67 -6.79 10.02
C PRO A 7 3.55 -5.96 8.74
N PRO A 8 4.20 -6.42 7.72
CA PRO A 8 4.19 -5.71 6.41
C PRO A 8 2.84 -5.90 5.70
N ASN A 9 2.54 -5.06 4.75
CA ASN A 9 1.25 -5.18 4.01
C ASN A 9 1.17 -4.10 2.93
N CYS A 10 0.31 -4.28 1.97
CA CYS A 10 0.17 -3.28 0.90
C CYS A 10 -0.58 -2.06 1.43
N ALA A 11 -0.04 -0.88 1.26
CA ALA A 11 -0.75 0.33 1.78
C ALA A 11 -1.80 0.79 0.78
N ARG A 12 -1.84 0.28 -0.39
CA ARG A 12 -2.90 0.75 -1.33
C ARG A 12 -4.22 0.22 -0.82
N CYS A 13 -4.25 -1.03 -0.51
CA CYS A 13 -5.49 -1.66 0.00
C CYS A 13 -5.62 -1.46 1.52
N ARG A 14 -4.60 -0.93 2.18
CA ARG A 14 -4.73 -0.71 3.66
C ARG A 14 -5.63 0.49 3.95
N ASN A 15 -5.89 1.26 2.94
CA ASN A 15 -6.70 2.48 3.10
C ASN A 15 -8.16 2.14 3.36
N HIS A 16 -8.59 1.07 2.77
CA HIS A 16 -10.00 0.66 2.91
C HIS A 16 -10.15 -0.45 3.96
N GLY A 17 -9.07 -1.03 4.39
CA GLY A 17 -9.19 -2.09 5.43
C GLY A 17 -8.67 -3.41 4.88
N LEU A 18 -7.73 -3.36 3.99
CA LEU A 18 -7.20 -4.60 3.40
C LEU A 18 -5.82 -4.92 4.02
N LYS A 19 -5.48 -6.17 4.10
CA LYS A 19 -4.17 -6.57 4.68
C LYS A 19 -3.68 -7.84 3.98
N ILE A 20 -2.98 -7.67 2.90
CA ILE A 20 -2.50 -8.85 2.12
C ILE A 20 -1.00 -9.11 2.38
N THR A 21 -0.36 -8.27 3.15
CA THR A 21 1.12 -8.43 3.44
C THR A 21 1.95 -7.93 2.25
N LEU A 22 1.29 -7.46 1.23
CA LEU A 22 1.99 -6.92 0.01
C LEU A 22 3.03 -7.94 -0.52
N LYS A 23 2.93 -9.17 -0.11
CA LYS A 23 3.88 -10.19 -0.63
C LYS A 23 3.39 -10.67 -1.99
N GLY A 24 4.08 -10.35 -3.05
CA GLY A 24 3.59 -10.77 -4.39
C GLY A 24 2.14 -10.30 -4.49
N HIS A 25 1.94 -9.00 -4.50
CA HIS A 25 0.55 -8.47 -4.53
C HIS A 25 0.40 -7.35 -5.59
N LYS A 26 0.44 -6.11 -5.18
CA LYS A 26 0.29 -5.00 -6.14
C LYS A 26 -0.84 -5.32 -7.14
N ARG A 27 -0.53 -5.90 -8.26
CA ARG A 27 -1.62 -6.22 -9.24
C ARG A 27 -2.75 -6.94 -8.51
N TYR A 28 -2.43 -7.63 -7.45
CA TYR A 28 -3.49 -8.36 -6.68
C TYR A 28 -4.16 -7.40 -5.70
N CYS A 29 -3.90 -6.14 -5.82
CA CYS A 29 -4.51 -5.16 -4.88
C CYS A 29 -5.89 -4.71 -5.36
N LYS A 30 -6.92 -5.01 -4.62
CA LYS A 30 -8.27 -4.53 -5.06
C LYS A 30 -8.17 -3.03 -5.30
N PHE A 31 -7.20 -2.41 -4.68
CA PHE A 31 -6.98 -0.94 -4.83
C PHE A 31 -5.77 -0.72 -5.73
N ARG A 32 -5.40 -1.71 -6.50
CA ARG A 32 -4.22 -1.59 -7.39
C ARG A 32 -4.33 -0.31 -8.22
N TYR A 33 -5.52 0.19 -8.37
CA TYR A 33 -5.69 1.45 -9.16
C TYR A 33 -6.57 2.45 -8.40
N CYS A 34 -6.98 2.11 -7.22
CA CYS A 34 -7.82 3.06 -6.44
C CYS A 34 -7.24 4.47 -6.56
N THR A 35 -7.98 5.46 -6.15
CA THR A 35 -7.45 6.85 -6.24
C THR A 35 -7.87 7.67 -5.01
N CYS A 36 -8.54 7.06 -4.06
CA CYS A 36 -8.94 7.83 -2.86
C CYS A 36 -7.73 8.64 -2.37
N GLU A 37 -7.91 9.57 -1.47
CA GLU A 37 -6.74 10.37 -1.00
C GLU A 37 -5.88 9.60 -0.01
N LYS A 38 -6.23 8.38 0.29
CA LYS A 38 -5.40 7.58 1.25
C LYS A 38 -4.55 6.60 0.45
N CYS A 39 -4.92 6.40 -0.78
CA CYS A 39 -4.14 5.49 -1.65
C CYS A 39 -3.08 6.33 -2.36
N ARG A 40 -3.45 7.51 -2.77
CA ARG A 40 -2.47 8.41 -3.43
C ARG A 40 -1.56 8.97 -2.35
N LEU A 41 -2.11 9.17 -1.18
CA LEU A 41 -1.29 9.68 -0.04
C LEU A 41 -0.26 8.60 0.31
N THR A 42 -0.63 7.38 0.11
CA THR A 42 0.30 6.24 0.40
C THR A 42 1.48 6.31 -0.55
N ALA A 43 1.23 6.13 -1.81
CA ALA A 43 2.34 6.19 -2.81
C ALA A 43 3.18 7.43 -2.52
N ASP A 44 2.56 8.44 -1.97
CA ASP A 44 3.29 9.69 -1.63
C ASP A 44 4.07 9.48 -0.34
N ARG A 45 3.58 8.61 0.51
CA ARG A 45 4.28 8.34 1.79
C ARG A 45 5.43 7.37 1.57
N GLN A 46 5.39 6.60 0.52
CA GLN A 46 6.49 5.63 0.24
C GLN A 46 7.58 6.29 -0.62
N ARG A 47 7.53 7.59 -0.76
CA ARG A 47 8.57 8.28 -1.59
C ARG A 47 9.91 8.28 -0.84
N VAL A 48 10.77 7.35 -1.15
CA VAL A 48 12.10 7.30 -0.46
C VAL A 48 13.18 7.88 -1.37
N MET A 49 13.05 9.11 -1.75
CA MET A 49 14.08 9.73 -2.64
C MET A 49 15.28 10.19 -1.81
N ALA A 50 16.34 9.44 -1.81
CA ALA A 50 17.54 9.83 -1.02
C ALA A 50 18.36 10.88 -1.79
N LEU A 51 17.90 12.10 -1.80
CA LEU A 51 18.64 13.17 -2.53
C LEU A 51 18.71 14.44 -1.67
N GLN A 52 19.58 14.46 -0.71
CA GLN A 52 19.70 15.67 0.17
C GLN A 52 21.12 16.24 0.08
N SER A 1 4.40 -13.53 23.17
CA SER A 1 4.06 -14.09 21.84
C SER A 1 2.56 -13.94 21.56
N ILE A 2 2.00 -12.80 21.90
CA ILE A 2 0.55 -12.59 21.65
C ILE A 2 0.32 -11.31 20.86
N SER A 3 0.98 -10.25 21.23
CA SER A 3 0.81 -8.96 20.49
C SER A 3 2.10 -8.59 19.75
N PRO A 4 2.37 -9.31 18.70
CA PRO A 4 3.58 -9.05 17.90
C PRO A 4 3.41 -7.78 17.08
N ARG A 5 4.31 -7.50 16.18
CA ARG A 5 4.19 -6.27 15.36
C ARG A 5 3.32 -6.53 14.13
N THR A 6 3.35 -5.65 13.17
CA THR A 6 2.51 -5.85 11.95
C THR A 6 3.41 -6.21 10.75
N PRO A 7 2.89 -7.05 9.91
CA PRO A 7 3.64 -7.49 8.70
C PRO A 7 3.62 -6.38 7.64
N PRO A 8 4.52 -6.49 6.71
CA PRO A 8 4.61 -5.50 5.60
C PRO A 8 3.45 -5.66 4.63
N ASN A 9 2.25 -5.36 5.05
CA ASN A 9 1.07 -5.50 4.16
C ASN A 9 1.10 -4.43 3.07
N CYS A 10 0.20 -4.51 2.13
CA CYS A 10 0.16 -3.49 1.05
C CYS A 10 -0.56 -2.24 1.55
N ALA A 11 -0.07 -1.07 1.25
CA ALA A 11 -0.76 0.15 1.75
C ALA A 11 -1.88 0.58 0.80
N ARG A 12 -1.76 0.27 -0.44
CA ARG A 12 -2.83 0.64 -1.40
C ARG A 12 -4.15 0.08 -0.93
N CYS A 13 -4.15 -1.14 -0.52
CA CYS A 13 -5.42 -1.75 -0.08
C CYS A 13 -5.72 -1.49 1.42
N ARG A 14 -4.76 -1.23 2.27
CA ARG A 14 -5.15 -0.97 3.70
C ARG A 14 -6.00 0.29 3.77
N ASN A 15 -5.81 1.17 2.84
CA ASN A 15 -6.56 2.46 2.84
C ASN A 15 -8.03 2.21 3.11
N HIS A 16 -8.50 1.12 2.60
CA HIS A 16 -9.92 0.78 2.76
C HIS A 16 -10.12 -0.27 3.85
N GLY A 17 -9.05 -0.86 4.32
CA GLY A 17 -9.19 -1.89 5.40
C GLY A 17 -8.75 -3.25 4.87
N LEU A 18 -7.80 -3.24 3.98
CA LEU A 18 -7.31 -4.52 3.40
C LEU A 18 -5.96 -4.90 4.04
N LYS A 19 -5.60 -6.14 3.99
CA LYS A 19 -4.30 -6.58 4.58
C LYS A 19 -3.88 -7.88 3.91
N ILE A 20 -3.08 -7.78 2.89
CA ILE A 20 -2.64 -9.00 2.14
C ILE A 20 -1.17 -9.33 2.43
N THR A 21 -0.49 -8.51 3.20
CA THR A 21 0.97 -8.75 3.51
C THR A 21 1.85 -8.27 2.33
N LEU A 22 1.22 -7.76 1.32
CA LEU A 22 1.96 -7.24 0.11
C LEU A 22 2.97 -8.26 -0.41
N LYS A 23 2.84 -9.50 -0.04
CA LYS A 23 3.79 -10.52 -0.55
C LYS A 23 3.36 -10.90 -1.98
N GLY A 24 4.14 -10.55 -2.97
CA GLY A 24 3.71 -10.88 -4.37
C GLY A 24 2.26 -10.40 -4.51
N HIS A 25 2.06 -9.12 -4.38
CA HIS A 25 0.67 -8.58 -4.44
C HIS A 25 0.55 -7.43 -5.45
N LYS A 26 0.58 -6.20 -5.01
CA LYS A 26 0.45 -5.06 -5.95
C LYS A 26 -0.65 -5.35 -6.97
N ARG A 27 -0.30 -5.90 -8.11
CA ARG A 27 -1.34 -6.20 -9.13
C ARG A 27 -2.52 -6.93 -8.47
N TYR A 28 -2.26 -7.65 -7.42
CA TYR A 28 -3.34 -8.40 -6.73
C TYR A 28 -4.10 -7.47 -5.78
N CYS A 29 -3.69 -6.23 -5.70
CA CYS A 29 -4.36 -5.28 -4.78
C CYS A 29 -5.81 -5.04 -5.18
N LYS A 30 -6.63 -4.74 -4.24
CA LYS A 30 -8.05 -4.40 -4.56
C LYS A 30 -8.12 -2.87 -4.64
N PHE A 31 -6.96 -2.23 -4.56
CA PHE A 31 -6.87 -0.75 -4.60
C PHE A 31 -5.64 -0.35 -5.43
N ARG A 32 -5.04 -1.32 -6.09
CA ARG A 32 -3.82 -1.04 -6.92
C ARG A 32 -4.03 0.17 -7.82
N TYR A 33 -5.26 0.51 -8.08
CA TYR A 33 -5.52 1.67 -8.97
C TYR A 33 -6.50 2.65 -8.33
N CYS A 34 -6.99 2.34 -7.16
CA CYS A 34 -7.93 3.26 -6.48
C CYS A 34 -7.36 4.68 -6.57
N THR A 35 -8.11 5.67 -6.20
CA THR A 35 -7.60 7.06 -6.28
C THR A 35 -8.03 7.87 -5.06
N CYS A 36 -8.65 7.25 -4.10
CA CYS A 36 -9.07 8.01 -2.88
C CYS A 36 -7.86 8.81 -2.36
N GLU A 37 -8.03 9.60 -1.34
CA GLU A 37 -6.88 10.40 -0.83
C GLU A 37 -5.98 9.59 0.12
N LYS A 38 -6.33 8.35 0.34
CA LYS A 38 -5.49 7.49 1.23
C LYS A 38 -4.63 6.59 0.35
N CYS A 39 -5.02 6.44 -0.88
CA CYS A 39 -4.25 5.61 -1.83
C CYS A 39 -3.20 6.52 -2.48
N ARG A 40 -3.60 7.72 -2.81
CA ARG A 40 -2.65 8.67 -3.42
C ARG A 40 -1.71 9.15 -2.31
N LEU A 41 -2.24 9.24 -1.12
CA LEU A 41 -1.41 9.66 0.05
C LEU A 41 -0.35 8.59 0.31
N THR A 42 -0.68 7.37 0.01
CA THR A 42 0.29 6.26 0.21
C THR A 42 1.41 6.37 -0.82
N ALA A 43 1.09 6.17 -2.05
CA ALA A 43 2.13 6.29 -3.12
C ALA A 43 2.97 7.53 -2.85
N ASP A 44 2.36 8.52 -2.26
CA ASP A 44 3.10 9.77 -1.93
C ASP A 44 4.09 9.48 -0.79
N ARG A 45 3.66 8.73 0.18
CA ARG A 45 4.55 8.39 1.32
C ARG A 45 5.82 7.70 0.80
N GLN A 46 5.70 6.91 -0.23
CA GLN A 46 6.90 6.21 -0.77
C GLN A 46 7.63 7.11 -1.78
N ARG A 47 6.93 8.05 -2.36
CA ARG A 47 7.59 8.95 -3.34
C ARG A 47 8.64 9.82 -2.65
N VAL A 48 9.80 9.95 -3.25
CA VAL A 48 10.88 10.78 -2.63
C VAL A 48 11.18 11.98 -3.53
N MET A 49 10.89 13.16 -3.08
CA MET A 49 11.16 14.37 -3.91
C MET A 49 12.61 14.84 -3.72
N ALA A 50 13.47 13.99 -3.22
CA ALA A 50 14.89 14.38 -3.02
C ALA A 50 15.81 13.48 -3.85
N LEU A 51 16.62 14.05 -4.69
CA LEU A 51 17.54 13.22 -5.52
C LEU A 51 19.01 13.57 -5.21
N GLN A 52 19.64 12.81 -4.36
CA GLN A 52 21.06 13.10 -4.01
C GLN A 52 21.79 11.80 -3.65
N SER A 1 -0.05 -2.54 20.09
CA SER A 1 1.38 -2.91 19.85
C SER A 1 1.69 -4.29 20.44
N ILE A 2 1.68 -5.31 19.63
CA ILE A 2 1.97 -6.68 20.14
C ILE A 2 3.24 -7.23 19.51
N SER A 3 3.81 -6.53 18.57
CA SER A 3 5.05 -7.02 17.91
C SER A 3 5.80 -5.85 17.24
N PRO A 4 6.97 -5.57 17.74
CA PRO A 4 7.79 -4.47 17.20
C PRO A 4 8.48 -4.90 15.90
N ARG A 5 8.04 -4.39 14.79
CA ARG A 5 8.68 -4.77 13.48
C ARG A 5 8.37 -3.73 12.41
N THR A 6 8.66 -4.03 11.18
CA THR A 6 8.37 -3.05 10.08
C THR A 6 6.93 -3.21 9.60
N PRO A 7 6.45 -2.20 8.94
CA PRO A 7 5.05 -2.21 8.42
C PRO A 7 4.94 -3.14 7.20
N PRO A 8 4.27 -4.24 7.41
CA PRO A 8 4.08 -5.24 6.33
C PRO A 8 2.80 -4.96 5.56
N ASN A 9 2.29 -5.94 4.88
CA ASN A 9 1.03 -5.79 4.10
C ASN A 9 1.13 -4.65 3.09
N CYS A 10 0.20 -4.62 2.16
CA CYS A 10 0.20 -3.56 1.13
C CYS A 10 -0.50 -2.30 1.65
N ALA A 11 0.03 -1.14 1.37
CA ALA A 11 -0.63 0.09 1.89
C ALA A 11 -1.75 0.58 0.96
N ARG A 12 -1.66 0.26 -0.29
CA ARG A 12 -2.73 0.70 -1.22
C ARG A 12 -4.06 0.13 -0.76
N CYS A 13 -4.08 -1.12 -0.46
CA CYS A 13 -5.37 -1.75 -0.03
C CYS A 13 -5.66 -1.54 1.48
N ARG A 14 -4.69 -1.24 2.32
CA ARG A 14 -5.09 -1.02 3.76
C ARG A 14 -5.91 0.26 3.88
N ASN A 15 -5.69 1.17 2.97
CA ASN A 15 -6.41 2.46 3.02
C ASN A 15 -7.87 2.22 3.32
N HIS A 16 -8.36 1.15 2.81
CA HIS A 16 -9.79 0.80 3.00
C HIS A 16 -9.95 -0.27 4.09
N GLY A 17 -8.89 -0.91 4.47
CA GLY A 17 -9.01 -1.95 5.54
C GLY A 17 -8.60 -3.30 4.99
N LEU A 18 -7.72 -3.31 4.02
CA LEU A 18 -7.27 -4.60 3.43
C LEU A 18 -5.90 -4.98 4.00
N LYS A 19 -5.60 -6.25 4.05
CA LYS A 19 -4.29 -6.70 4.59
C LYS A 19 -3.89 -7.98 3.85
N ILE A 20 -3.22 -7.85 2.75
CA ILE A 20 -2.83 -9.03 1.94
C ILE A 20 -1.38 -9.43 2.23
N THR A 21 -0.68 -8.68 3.07
CA THR A 21 0.76 -8.99 3.37
C THR A 21 1.67 -8.48 2.24
N LEU A 22 1.07 -7.89 1.25
CA LEU A 22 1.84 -7.35 0.07
C LEU A 22 2.84 -8.38 -0.44
N LYS A 23 2.62 -9.64 -0.17
CA LYS A 23 3.54 -10.68 -0.68
C LYS A 23 3.20 -10.98 -2.14
N GLY A 24 4.06 -10.61 -3.07
CA GLY A 24 3.72 -10.85 -4.50
C GLY A 24 2.31 -10.32 -4.71
N HIS A 25 2.11 -9.07 -4.40
CA HIS A 25 0.75 -8.46 -4.49
C HIS A 25 0.71 -7.32 -5.51
N LYS A 26 0.73 -6.09 -5.06
CA LYS A 26 0.65 -4.94 -5.99
C LYS A 26 -0.44 -5.17 -7.03
N ARG A 27 -0.12 -5.77 -8.15
CA ARG A 27 -1.18 -6.03 -9.18
C ARG A 27 -2.36 -6.74 -8.52
N TYR A 28 -2.11 -7.43 -7.45
CA TYR A 28 -3.21 -8.16 -6.75
C TYR A 28 -3.85 -7.24 -5.71
N CYS A 29 -3.74 -5.96 -5.87
CA CYS A 29 -4.34 -5.02 -4.88
C CYS A 29 -5.73 -4.56 -5.32
N LYS A 30 -6.75 -4.94 -4.60
CA LYS A 30 -8.11 -4.46 -4.96
C LYS A 30 -8.05 -2.94 -5.10
N PHE A 31 -7.08 -2.35 -4.46
CA PHE A 31 -6.89 -0.87 -4.51
C PHE A 31 -5.69 -0.55 -5.40
N ARG A 32 -5.26 -1.50 -6.20
CA ARG A 32 -4.09 -1.28 -7.09
C ARG A 32 -4.29 -0.02 -7.94
N TYR A 33 -5.51 0.32 -8.22
CA TYR A 33 -5.77 1.53 -9.05
C TYR A 33 -6.69 2.52 -8.32
N CYS A 34 -7.09 2.21 -7.12
CA CYS A 34 -7.99 3.15 -6.39
C CYS A 34 -7.43 4.57 -6.51
N THR A 35 -8.17 5.56 -6.12
CA THR A 35 -7.68 6.96 -6.23
C THR A 35 -8.07 7.77 -4.99
N CYS A 36 -8.68 7.17 -4.02
CA CYS A 36 -9.06 7.94 -2.80
C CYS A 36 -7.85 8.76 -2.33
N GLU A 37 -8.01 9.61 -1.35
CA GLU A 37 -6.85 10.43 -0.89
C GLU A 37 -5.93 9.65 0.04
N LYS A 38 -6.26 8.41 0.33
CA LYS A 38 -5.39 7.59 1.22
C LYS A 38 -4.56 6.65 0.36
N CYS A 39 -4.96 6.48 -0.86
CA CYS A 39 -4.20 5.62 -1.80
C CYS A 39 -3.17 6.49 -2.51
N ARG A 40 -3.58 7.69 -2.85
CA ARG A 40 -2.64 8.63 -3.51
C ARG A 40 -1.68 9.15 -2.46
N LEU A 41 -2.17 9.31 -1.26
CA LEU A 41 -1.31 9.78 -0.14
C LEU A 41 -0.28 8.68 0.16
N THR A 42 -0.65 7.45 -0.05
CA THR A 42 0.28 6.33 0.19
C THR A 42 1.41 6.38 -0.84
N ALA A 43 1.08 6.13 -2.07
CA ALA A 43 2.11 6.19 -3.15
C ALA A 43 3.00 7.41 -2.92
N ASP A 44 2.41 8.45 -2.38
CA ASP A 44 3.20 9.68 -2.09
C ASP A 44 4.19 9.39 -0.96
N ARG A 45 3.74 8.69 0.05
CA ARG A 45 4.64 8.34 1.19
C ARG A 45 5.84 7.53 0.69
N GLN A 46 5.71 6.91 -0.45
CA GLN A 46 6.84 6.09 -0.98
C GLN A 46 7.55 6.83 -2.13
N ARG A 47 6.86 7.71 -2.80
CA ARG A 47 7.50 8.46 -3.91
C ARG A 47 8.10 9.76 -3.39
N VAL A 48 9.00 9.67 -2.44
CA VAL A 48 9.63 10.91 -1.89
C VAL A 48 10.99 10.57 -1.29
N MET A 49 11.83 9.91 -2.03
CA MET A 49 13.18 9.55 -1.51
C MET A 49 14.25 10.07 -2.47
N ALA A 50 14.62 9.28 -3.43
CA ALA A 50 15.66 9.71 -4.40
C ALA A 50 15.03 10.64 -5.44
N LEU A 51 13.76 10.52 -5.65
CA LEU A 51 13.07 11.38 -6.66
C LEU A 51 12.22 12.44 -5.95
N GLN A 52 12.83 13.28 -5.15
CA GLN A 52 12.06 14.33 -4.43
C GLN A 52 12.75 15.68 -4.58
N SER A 1 0.56 -21.32 -0.06
CA SER A 1 1.73 -21.46 0.86
C SER A 1 1.59 -20.49 2.04
N ILE A 2 2.66 -20.20 2.71
CA ILE A 2 2.59 -19.27 3.87
C ILE A 2 4.00 -19.00 4.42
N SER A 3 4.15 -17.99 5.24
CA SER A 3 5.50 -17.68 5.80
C SER A 3 5.36 -16.89 7.10
N PRO A 4 5.72 -17.53 8.18
CA PRO A 4 5.63 -16.87 9.52
C PRO A 4 6.74 -15.83 9.67
N ARG A 5 6.74 -14.82 8.84
CA ARG A 5 7.81 -13.77 8.94
C ARG A 5 7.19 -12.43 9.35
N THR A 6 7.84 -11.35 9.03
CA THR A 6 7.31 -10.00 9.41
C THR A 6 7.16 -9.13 8.16
N PRO A 7 6.53 -9.69 7.18
CA PRO A 7 6.31 -8.99 5.89
C PRO A 7 5.28 -7.86 6.06
N PRO A 8 5.55 -6.76 5.44
CA PRO A 8 4.65 -5.58 5.51
C PRO A 8 3.43 -5.79 4.63
N ASN A 9 2.34 -5.14 4.92
CA ASN A 9 1.12 -5.30 4.08
C ASN A 9 1.04 -4.21 3.01
N CYS A 10 0.27 -4.45 1.99
CA CYS A 10 0.15 -3.45 0.90
C CYS A 10 -0.56 -2.19 1.42
N ALA A 11 -0.09 -1.04 1.09
CA ALA A 11 -0.77 0.20 1.56
C ALA A 11 -1.91 0.56 0.62
N ARG A 12 -1.78 0.33 -0.64
CA ARG A 12 -2.90 0.69 -1.55
C ARG A 12 -4.20 0.16 -0.99
N CYS A 13 -4.20 -1.08 -0.62
CA CYS A 13 -5.44 -1.68 -0.07
C CYS A 13 -5.54 -1.44 1.46
N ARG A 14 -4.48 -0.96 2.09
CA ARG A 14 -4.55 -0.68 3.56
C ARG A 14 -5.40 0.56 3.84
N ASN A 15 -5.72 1.28 2.81
CA ASN A 15 -6.51 2.52 2.99
C ASN A 15 -7.96 2.22 3.27
N HIS A 16 -8.45 1.20 2.66
CA HIS A 16 -9.87 0.82 2.84
C HIS A 16 -10.01 -0.23 3.94
N GLY A 17 -8.92 -0.80 4.39
CA GLY A 17 -9.01 -1.81 5.48
C GLY A 17 -8.54 -3.17 4.96
N LEU A 18 -7.74 -3.16 3.95
CA LEU A 18 -7.23 -4.44 3.39
C LEU A 18 -5.88 -4.78 4.01
N LYS A 19 -5.55 -6.05 4.08
CA LYS A 19 -4.25 -6.46 4.68
C LYS A 19 -3.82 -7.78 4.04
N ILE A 20 -3.06 -7.70 3.00
CA ILE A 20 -2.62 -8.92 2.26
C ILE A 20 -1.14 -9.23 2.53
N THR A 21 -0.44 -8.35 3.20
CA THR A 21 1.03 -8.56 3.46
C THR A 21 1.86 -8.12 2.25
N LEU A 22 1.20 -7.58 1.26
CA LEU A 22 1.90 -7.10 0.01
C LEU A 22 2.89 -8.13 -0.52
N LYS A 23 2.75 -9.37 -0.12
CA LYS A 23 3.68 -10.42 -0.64
C LYS A 23 3.19 -10.90 -2.01
N GLY A 24 3.95 -10.69 -3.06
CA GLY A 24 3.48 -11.12 -4.40
C GLY A 24 2.05 -10.61 -4.56
N HIS A 25 1.84 -9.36 -4.26
CA HIS A 25 0.47 -8.77 -4.32
C HIS A 25 0.37 -7.73 -5.45
N LYS A 26 0.35 -6.46 -5.11
CA LYS A 26 0.23 -5.41 -6.18
C LYS A 26 -0.85 -5.82 -7.18
N ARG A 27 -0.48 -6.52 -8.22
CA ARG A 27 -1.49 -6.96 -9.23
C ARG A 27 -2.67 -7.63 -8.51
N TYR A 28 -2.44 -8.10 -7.31
CA TYR A 28 -3.53 -8.77 -6.54
C TYR A 28 -4.26 -7.76 -5.65
N CYS A 29 -3.84 -6.53 -5.68
CA CYS A 29 -4.50 -5.51 -4.81
C CYS A 29 -5.92 -5.21 -5.27
N LYS A 30 -6.76 -4.89 -4.34
CA LYS A 30 -8.14 -4.49 -4.71
C LYS A 30 -8.15 -2.96 -4.85
N PHE A 31 -6.96 -2.40 -4.91
CA PHE A 31 -6.79 -0.92 -5.04
C PHE A 31 -5.59 -0.66 -5.95
N ARG A 32 -5.16 -1.67 -6.67
CA ARG A 32 -3.98 -1.53 -7.57
C ARG A 32 -4.05 -0.22 -8.34
N TYR A 33 -5.23 0.31 -8.50
CA TYR A 33 -5.36 1.59 -9.26
C TYR A 33 -6.26 2.56 -8.51
N CYS A 34 -6.69 2.22 -7.33
CA CYS A 34 -7.56 3.15 -6.57
C CYS A 34 -7.00 4.55 -6.65
N THR A 35 -7.75 5.53 -6.25
CA THR A 35 -7.24 6.93 -6.30
C THR A 35 -7.78 7.74 -5.11
N CYS A 36 -8.46 7.10 -4.19
CA CYS A 36 -8.97 7.87 -3.02
C CYS A 36 -7.82 8.73 -2.48
N GLU A 37 -8.10 9.66 -1.60
CA GLU A 37 -6.99 10.52 -1.08
C GLU A 37 -6.17 9.80 -0.01
N LYS A 38 -6.44 8.55 0.23
CA LYS A 38 -5.66 7.80 1.25
C LYS A 38 -4.71 6.85 0.53
N CYS A 39 -5.00 6.57 -0.71
CA CYS A 39 -4.12 5.70 -1.51
C CYS A 39 -3.07 6.59 -2.15
N ARG A 40 -3.48 7.76 -2.58
CA ARG A 40 -2.51 8.72 -3.17
C ARG A 40 -1.70 9.32 -2.03
N LEU A 41 -2.36 9.57 -0.93
CA LEU A 41 -1.66 10.13 0.26
C LEU A 41 -0.61 9.12 0.72
N THR A 42 -0.93 7.87 0.60
CA THR A 42 0.04 6.81 1.00
C THR A 42 1.23 6.82 0.05
N ALA A 43 1.03 6.33 -1.14
CA ALA A 43 2.13 6.32 -2.15
C ALA A 43 2.88 7.64 -2.08
N ASP A 44 2.20 8.69 -1.69
CA ASP A 44 2.86 10.01 -1.58
C ASP A 44 3.59 10.11 -0.23
N ARG A 45 3.00 9.59 0.81
CA ARG A 45 3.65 9.64 2.15
C ARG A 45 5.12 9.22 2.02
N GLN A 46 5.37 8.11 1.39
CA GLN A 46 6.78 7.65 1.23
C GLN A 46 7.24 7.85 -0.22
N ARG A 47 7.56 9.06 -0.58
CA ARG A 47 8.02 9.32 -1.98
C ARG A 47 9.53 9.14 -2.08
N VAL A 48 10.00 7.92 -2.11
CA VAL A 48 11.46 7.68 -2.22
C VAL A 48 11.73 6.30 -2.83
N MET A 49 11.62 6.19 -4.12
CA MET A 49 11.86 4.86 -4.77
C MET A 49 13.12 4.92 -5.64
N ALA A 50 13.64 6.10 -5.86
CA ALA A 50 14.86 6.23 -6.71
C ALA A 50 16.10 6.43 -5.84
N LEU A 51 16.70 5.38 -5.38
CA LEU A 51 17.91 5.51 -4.52
C LEU A 51 18.89 4.38 -4.81
N GLN A 52 19.44 4.34 -5.99
CA GLN A 52 20.42 3.26 -6.33
C GLN A 52 21.46 3.77 -7.32
N SER A 1 -1.15 1.81 19.60
CA SER A 1 -2.18 2.81 19.20
C SER A 1 -1.80 3.46 17.88
N ILE A 2 -0.71 4.18 17.85
CA ILE A 2 -0.28 4.84 16.58
C ILE A 2 1.18 4.50 16.28
N SER A 3 1.42 3.84 15.18
CA SER A 3 2.82 3.46 14.82
C SER A 3 3.05 3.61 13.31
N PRO A 4 4.30 3.70 12.94
CA PRO A 4 4.66 3.84 11.51
C PRO A 4 4.47 2.52 10.77
N ARG A 5 3.71 2.51 9.71
CA ARG A 5 3.49 1.26 8.94
C ARG A 5 3.77 1.51 7.45
N THR A 6 4.50 0.63 6.81
CA THR A 6 4.79 0.83 5.36
C THR A 6 5.20 -0.49 4.67
N PRO A 7 6.30 -1.04 5.08
CA PRO A 7 6.80 -2.31 4.47
C PRO A 7 5.90 -3.54 4.73
N PRO A 8 5.14 -3.55 5.80
CA PRO A 8 4.28 -4.72 6.08
C PRO A 8 2.96 -4.61 5.31
N ASN A 9 2.47 -5.69 4.78
CA ASN A 9 1.18 -5.66 4.02
C ASN A 9 1.21 -4.57 2.94
N CYS A 10 0.26 -4.60 2.06
CA CYS A 10 0.22 -3.57 0.98
C CYS A 10 -0.47 -2.31 1.50
N ALA A 11 0.06 -1.15 1.23
CA ALA A 11 -0.60 0.08 1.75
C ALA A 11 -1.71 0.55 0.82
N ARG A 12 -1.64 0.21 -0.42
CA ARG A 12 -2.71 0.61 -1.36
C ARG A 12 -4.04 0.09 -0.88
N CYS A 13 -4.08 -1.15 -0.53
CA CYS A 13 -5.37 -1.75 -0.08
C CYS A 13 -5.64 -1.50 1.43
N ARG A 14 -4.66 -1.20 2.25
CA ARG A 14 -5.03 -0.96 3.69
C ARG A 14 -5.84 0.32 3.80
N ASN A 15 -5.66 1.21 2.88
CA ASN A 15 -6.38 2.51 2.92
C ASN A 15 -7.84 2.27 3.21
N HIS A 16 -8.33 1.19 2.69
CA HIS A 16 -9.75 0.84 2.87
C HIS A 16 -9.94 -0.21 3.97
N GLY A 17 -8.88 -0.83 4.40
CA GLY A 17 -9.01 -1.85 5.48
C GLY A 17 -8.61 -3.21 4.93
N LEU A 18 -7.70 -3.23 4.01
CA LEU A 18 -7.26 -4.53 3.43
C LEU A 18 -5.90 -4.92 4.02
N LYS A 19 -5.60 -6.19 4.03
CA LYS A 19 -4.29 -6.66 4.58
C LYS A 19 -3.90 -7.95 3.88
N ILE A 20 -3.16 -7.82 2.82
CA ILE A 20 -2.76 -9.03 2.03
C ILE A 20 -1.29 -9.40 2.31
N THR A 21 -0.60 -8.62 3.10
CA THR A 21 0.85 -8.90 3.41
C THR A 21 1.75 -8.40 2.26
N LEU A 22 1.14 -7.87 1.24
CA LEU A 22 1.91 -7.33 0.06
C LEU A 22 2.90 -8.37 -0.48
N LYS A 23 2.75 -9.61 -0.11
CA LYS A 23 3.67 -10.65 -0.66
C LYS A 23 3.21 -11.03 -2.06
N GLY A 24 3.99 -10.73 -3.07
CA GLY A 24 3.53 -11.06 -4.46
C GLY A 24 2.09 -10.57 -4.58
N HIS A 25 1.91 -9.28 -4.47
CA HIS A 25 0.53 -8.72 -4.52
C HIS A 25 0.41 -7.62 -5.58
N LYS A 26 0.49 -6.38 -5.19
CA LYS A 26 0.37 -5.27 -6.18
C LYS A 26 -0.79 -5.57 -7.14
N ARG A 27 -0.51 -6.16 -8.27
CA ARG A 27 -1.62 -6.48 -9.22
C ARG A 27 -2.75 -7.16 -8.46
N TYR A 28 -2.45 -7.80 -7.37
CA TYR A 28 -3.51 -8.48 -6.57
C TYR A 28 -4.12 -7.49 -5.58
N CYS A 29 -3.93 -6.22 -5.81
CA CYS A 29 -4.49 -5.21 -4.88
C CYS A 29 -5.83 -4.69 -5.37
N LYS A 30 -6.89 -4.93 -4.65
CA LYS A 30 -8.20 -4.38 -5.10
C LYS A 30 -8.04 -2.86 -5.26
N PHE A 31 -7.04 -2.32 -4.62
CA PHE A 31 -6.76 -0.87 -4.67
C PHE A 31 -5.53 -0.63 -5.57
N ARG A 32 -5.09 -1.65 -6.26
CA ARG A 32 -3.90 -1.52 -7.14
C ARG A 32 -3.95 -0.24 -7.95
N TYR A 33 -5.13 0.22 -8.23
CA TYR A 33 -5.27 1.46 -9.03
C TYR A 33 -6.23 2.45 -8.37
N CYS A 34 -6.62 2.18 -7.16
CA CYS A 34 -7.54 3.12 -6.47
C CYS A 34 -6.98 4.54 -6.58
N THR A 35 -7.76 5.53 -6.23
CA THR A 35 -7.25 6.93 -6.32
C THR A 35 -7.78 7.76 -5.14
N CYS A 36 -8.46 7.14 -4.20
CA CYS A 36 -8.97 7.92 -3.04
C CYS A 36 -7.84 8.80 -2.47
N GLU A 37 -8.12 9.60 -1.49
CA GLU A 37 -7.05 10.48 -0.92
C GLU A 37 -6.18 9.73 0.09
N LYS A 38 -6.47 8.48 0.34
CA LYS A 38 -5.64 7.71 1.31
C LYS A 38 -4.70 6.80 0.51
N CYS A 39 -5.00 6.61 -0.72
CA CYS A 39 -4.13 5.77 -1.60
C CYS A 39 -3.10 6.70 -2.22
N ARG A 40 -3.52 7.90 -2.55
CA ARG A 40 -2.57 8.88 -3.14
C ARG A 40 -1.69 9.41 -2.01
N LEU A 41 -2.26 9.54 -0.84
CA LEU A 41 -1.46 10.03 0.33
C LEU A 41 -0.42 8.98 0.69
N THR A 42 -0.75 7.74 0.49
CA THR A 42 0.21 6.65 0.81
C THR A 42 1.26 6.56 -0.29
N ALA A 43 0.86 6.10 -1.44
CA ALA A 43 1.82 5.99 -2.58
C ALA A 43 2.68 7.25 -2.62
N ASP A 44 2.14 8.35 -2.16
CA ASP A 44 2.91 9.62 -2.14
C ASP A 44 3.84 9.63 -0.92
N ARG A 45 3.35 9.15 0.21
CA ARG A 45 4.21 9.13 1.43
C ARG A 45 5.50 8.36 1.16
N GLN A 46 5.47 7.46 0.20
CA GLN A 46 6.69 6.67 -0.10
C GLN A 46 7.44 7.31 -1.28
N ARG A 47 6.74 7.89 -2.20
CA ARG A 47 7.42 8.53 -3.37
C ARG A 47 8.51 9.49 -2.89
N VAL A 48 9.73 9.04 -2.86
CA VAL A 48 10.83 9.94 -2.41
C VAL A 48 12.03 9.81 -3.35
N MET A 49 11.82 10.04 -4.62
CA MET A 49 12.96 9.92 -5.59
C MET A 49 13.34 11.30 -6.13
N ALA A 50 12.79 11.70 -7.24
CA ALA A 50 13.14 13.03 -7.80
C ALA A 50 11.92 13.66 -8.50
N LEU A 51 11.56 13.17 -9.65
CA LEU A 51 10.38 13.73 -10.36
C LEU A 51 9.10 13.03 -9.92
N GLN A 52 8.01 13.75 -9.86
CA GLN A 52 6.72 13.13 -9.45
C GLN A 52 5.57 13.70 -10.28
N SER A 1 -9.77 -7.30 18.30
CA SER A 1 -9.96 -8.05 17.03
C SER A 1 -8.61 -8.54 16.51
N ILE A 2 -8.02 -9.50 17.18
CA ILE A 2 -6.70 -10.02 16.72
C ILE A 2 -5.68 -8.88 16.60
N SER A 3 -4.43 -9.19 16.40
CA SER A 3 -3.40 -8.13 16.29
C SER A 3 -2.93 -7.99 14.84
N PRO A 4 -1.98 -7.11 14.63
CA PRO A 4 -1.44 -6.86 13.27
C PRO A 4 -0.56 -8.04 12.84
N ARG A 5 0.23 -7.86 11.81
CA ARG A 5 1.11 -8.96 11.33
C ARG A 5 2.57 -8.52 11.33
N THR A 6 3.47 -9.43 11.05
CA THR A 6 4.92 -9.07 11.03
C THR A 6 5.30 -8.40 9.70
N PRO A 7 4.93 -9.01 8.60
CA PRO A 7 5.27 -8.45 7.28
C PRO A 7 4.42 -7.21 6.98
N PRO A 8 5.01 -6.31 6.23
CA PRO A 8 4.31 -5.05 5.86
C PRO A 8 3.26 -5.31 4.79
N ASN A 9 2.01 -5.23 5.14
CA ASN A 9 0.93 -5.48 4.13
C ASN A 9 0.86 -4.31 3.14
N CYS A 10 0.34 -4.58 1.98
CA CYS A 10 0.24 -3.52 0.95
C CYS A 10 -0.47 -2.29 1.51
N ALA A 11 0.05 -1.11 1.27
CA ALA A 11 -0.62 0.10 1.82
C ALA A 11 -1.74 0.57 0.90
N ARG A 12 -1.68 0.23 -0.34
CA ARG A 12 -2.76 0.64 -1.27
C ARG A 12 -4.09 0.11 -0.78
N CYS A 13 -4.12 -1.14 -0.45
CA CYS A 13 -5.39 -1.74 0.02
C CYS A 13 -5.66 -1.50 1.52
N ARG A 14 -4.67 -1.20 2.35
CA ARG A 14 -5.03 -0.95 3.79
C ARG A 14 -5.86 0.32 3.89
N ASN A 15 -5.67 1.21 2.96
CA ASN A 15 -6.39 2.50 2.98
C ASN A 15 -7.86 2.26 3.26
N HIS A 16 -8.35 1.18 2.75
CA HIS A 16 -9.78 0.85 2.93
C HIS A 16 -9.97 -0.20 4.02
N GLY A 17 -8.91 -0.81 4.47
CA GLY A 17 -9.04 -1.84 5.55
C GLY A 17 -8.63 -3.20 5.03
N LEU A 18 -7.68 -3.22 4.13
CA LEU A 18 -7.23 -4.52 3.56
C LEU A 18 -5.86 -4.90 4.14
N LYS A 19 -5.54 -6.16 4.18
CA LYS A 19 -4.23 -6.60 4.72
C LYS A 19 -3.80 -7.88 4.01
N ILE A 20 -3.11 -7.75 2.92
CA ILE A 20 -2.68 -8.94 2.13
C ILE A 20 -1.19 -9.27 2.39
N THR A 21 -0.52 -8.46 3.17
CA THR A 21 0.95 -8.70 3.47
C THR A 21 1.82 -8.22 2.29
N LEU A 22 1.20 -7.74 1.26
CA LEU A 22 1.93 -7.23 0.05
C LEU A 22 2.91 -8.27 -0.49
N LYS A 23 2.81 -9.51 -0.08
CA LYS A 23 3.73 -10.55 -0.63
C LYS A 23 3.29 -10.88 -2.05
N GLY A 24 4.07 -10.52 -3.04
CA GLY A 24 3.65 -10.80 -4.45
C GLY A 24 2.20 -10.33 -4.58
N HIS A 25 1.99 -9.04 -4.49
CA HIS A 25 0.60 -8.51 -4.54
C HIS A 25 0.48 -7.36 -5.55
N LYS A 26 0.50 -6.13 -5.10
CA LYS A 26 0.37 -4.98 -6.04
C LYS A 26 -0.70 -5.27 -7.08
N ARG A 27 -0.34 -5.82 -8.22
CA ARG A 27 -1.36 -6.12 -9.26
C ARG A 27 -2.53 -6.86 -8.62
N TYR A 28 -2.31 -7.52 -7.51
CA TYR A 28 -3.42 -8.26 -6.84
C TYR A 28 -4.12 -7.34 -5.85
N CYS A 29 -3.76 -6.10 -5.81
CA CYS A 29 -4.40 -5.15 -4.86
C CYS A 29 -5.75 -4.68 -5.37
N LYS A 30 -6.79 -4.87 -4.61
CA LYS A 30 -8.11 -4.36 -5.08
C LYS A 30 -8.00 -2.84 -5.18
N PHE A 31 -6.98 -2.28 -4.59
CA PHE A 31 -6.75 -0.81 -4.61
C PHE A 31 -5.52 -0.52 -5.49
N ARG A 32 -5.01 -1.53 -6.16
CA ARG A 32 -3.81 -1.35 -7.02
C ARG A 32 -3.95 -0.08 -7.87
N TYR A 33 -5.16 0.27 -8.19
CA TYR A 33 -5.37 1.50 -9.01
C TYR A 33 -6.33 2.47 -8.33
N CYS A 34 -6.77 2.16 -7.14
CA CYS A 34 -7.70 3.10 -6.44
C CYS A 34 -7.17 4.53 -6.58
N THR A 35 -7.96 5.51 -6.23
CA THR A 35 -7.49 6.92 -6.35
C THR A 35 -7.95 7.75 -5.14
N CYS A 36 -8.60 7.15 -4.19
CA CYS A 36 -9.05 7.95 -3.00
C CYS A 36 -7.86 8.79 -2.51
N GLU A 37 -8.07 9.68 -1.58
CA GLU A 37 -6.94 10.53 -1.10
C GLU A 37 -6.07 9.79 -0.08
N LYS A 38 -6.41 8.57 0.25
CA LYS A 38 -5.58 7.80 1.22
C LYS A 38 -4.69 6.83 0.45
N CYS A 39 -5.02 6.62 -0.80
CA CYS A 39 -4.20 5.73 -1.65
C CYS A 39 -3.16 6.59 -2.33
N ARG A 40 -3.57 7.74 -2.79
CA ARG A 40 -2.60 8.67 -3.44
C ARG A 40 -1.66 9.19 -2.36
N LEU A 41 -2.19 9.45 -1.20
CA LEU A 41 -1.34 9.93 -0.07
C LEU A 41 -0.40 8.79 0.35
N THR A 42 -0.90 7.59 0.32
CA THR A 42 -0.07 6.41 0.69
C THR A 42 1.02 6.21 -0.36
N ALA A 43 0.63 5.80 -1.52
CA ALA A 43 1.63 5.60 -2.61
C ALA A 43 2.58 6.79 -2.62
N ASP A 44 2.10 7.91 -2.19
CA ASP A 44 2.95 9.14 -2.15
C ASP A 44 3.84 9.09 -0.91
N ARG A 45 3.32 8.58 0.18
CA ARG A 45 4.13 8.48 1.43
C ARG A 45 5.36 7.61 1.19
N GLN A 46 5.32 6.76 0.20
CA GLN A 46 6.49 5.88 -0.08
C GLN A 46 7.29 6.43 -1.26
N ARG A 47 6.66 6.62 -2.39
CA ARG A 47 7.39 7.14 -3.58
C ARG A 47 7.75 8.62 -3.36
N VAL A 48 9.01 8.95 -3.46
CA VAL A 48 9.43 10.36 -3.27
C VAL A 48 10.00 10.93 -4.57
N MET A 49 9.16 11.23 -5.51
CA MET A 49 9.65 11.79 -6.80
C MET A 49 9.01 13.16 -7.07
N ALA A 50 8.94 13.56 -8.31
CA ALA A 50 8.32 14.88 -8.64
C ALA A 50 7.14 14.67 -9.60
N LEU A 51 7.36 14.83 -10.88
CA LEU A 51 6.25 14.63 -11.85
C LEU A 51 6.81 14.37 -13.25
N GLN A 52 5.95 14.15 -14.21
CA GLN A 52 6.43 13.88 -15.59
C GLN A 52 5.53 14.56 -16.62
#